data_6YKS
#
_entry.id   6YKS
#
_cell.length_a   49.023
_cell.length_b   80.909
_cell.length_c   224.177
_cell.angle_alpha   90.000
_cell.angle_beta   90.000
_cell.angle_gamma   90.000
#
_symmetry.space_group_name_H-M   'P 21 21 21'
#
loop_
_entity.id
_entity.type
_entity.pdbx_description
1 polymer 'Leucine--tRNA ligase'
2 non-polymer '[(2~{R},3~{S},4~{S},5~{R})-3,4-bis(oxidanyl)-5-[3-[4-(2-phenylethyl)-1,2,3-triazol-1-yl]propyl]oxan-2-yl]methyl ~{N}-[(2~{S})-2-azanyl-4-methyl-pentanoyl]sulfamate'
3 non-polymer 'ZINC ION'
4 non-polymer 1,2-ETHANEDIOL
5 non-polymer 'MAGNESIUM ION'
6 water water
#
_entity_poly.entity_id   1
_entity_poly.type   'polypeptide(L)'
_entity_poly.pdbx_seq_one_letter_code
;GMQEHYQPAAIEPAAQKKWDDARISNVSEDASKPKYYCLSMFPYPSGKLHMGHVRNYTIGDVLSRFKLLNGFNVMQPMGW
DAFGMPAENAAMKNNVAPAAWTYDNIEYMKTQLKSLGFAVDWEREVATCKPEYYRWEQWLFTKLFEKGIVYRKNGTVNWD
PVDQTVLANEQVIDGRGWRSGALIEKREIPMYYFKITDYAEELLNDLDKLEHWPEQVKTMQRNWIGKSRGMTVRFAVSDD
SKQGLEGDYAKFLQVYTTRPDTLMGATYVAVAAEHPLATAAAADKPELQAFIAECKAGSVAEADMATMEKKGVPTGRYVV
NPLNGDKLEVWIANYVLWGYGDGAVMAVPAHDERDFEFAAKYNLPKKQVIAVGDNAFDANRWQEWYGDKENGVLVNSGDL
DGLDFQTAFDAVAAKLQSQGAGEPKTQYRLRDWGISRQRYWGCPIPIVHCEKCGNVPVPADQLPVVLPENVVPDGMGSPL
AKMPEFYETSCPCCGGAAKRETDTMDTFIESSWYFFRYMSPKFSDGMVSAESAKYWGAVDQYIGGIEHAILHLLYARFFT
KLMRDEGLVNVDEPFERLLTQGMVVCETYYRENDKGGKDWINPADVELTFDDKGRPVSAVLKADGLPVVISGTEKMSKSK
NNGVDPQELINAYGADTARLFMMFAAPPEQSLEWSDSGVEGAHRFLRRLWRTVYEYLKQGGAVKAFAGNQDGLSKELKDL
RHKLHSTTAKVSDDYGRRQQFNTAIAAVMELLNQYDKTDTGSEQGRAVAQEVLEAAVRLLWPIVPHICETLWSELNGAKL
WEAGWPTVDEAALVKSEIEVMVQVNGKLRGKITVAADASKADLEAAALANEGAVKFMEGKPAKKIIVVPGRLVNIVV
;
_entity_poly.pdbx_strand_id   A
#
# COMPACT_ATOMS: atom_id res chain seq x y z
N MET A 2 29.16 -19.44 -30.81
CA MET A 2 28.08 -18.51 -30.49
C MET A 2 27.15 -18.33 -31.68
N GLN A 3 25.86 -18.59 -31.47
CA GLN A 3 24.90 -18.47 -32.55
C GLN A 3 24.79 -17.02 -33.03
N GLU A 4 24.57 -16.85 -34.33
CA GLU A 4 24.55 -15.51 -34.91
C GLU A 4 23.35 -14.70 -34.42
N HIS A 5 22.21 -15.33 -34.25
CA HIS A 5 20.97 -14.62 -33.95
C HIS A 5 20.53 -14.85 -32.50
N TYR A 6 19.92 -13.83 -31.92
CA TYR A 6 19.44 -13.88 -30.54
C TYR A 6 18.17 -14.71 -30.47
N GLN A 7 18.21 -15.81 -29.73
CA GLN A 7 17.03 -16.67 -29.56
C GLN A 7 16.75 -16.89 -28.07
N PRO A 8 15.81 -16.13 -27.50
CA PRO A 8 15.58 -16.22 -26.05
C PRO A 8 15.24 -17.61 -25.54
N ALA A 9 14.47 -18.39 -26.32
CA ALA A 9 14.10 -19.72 -25.85
C ALA A 9 15.30 -20.66 -25.75
N ALA A 10 16.37 -20.36 -26.48
CA ALA A 10 17.56 -21.19 -26.43
C ALA A 10 18.53 -20.79 -25.33
N ILE A 11 18.33 -19.66 -24.66
CA ILE A 11 19.31 -19.21 -23.67
C ILE A 11 18.69 -19.03 -22.29
N GLU A 12 17.39 -18.72 -22.23
CA GLU A 12 16.82 -18.38 -20.92
C GLU A 12 16.70 -19.59 -20.01
N PRO A 13 16.21 -20.76 -20.44
CA PRO A 13 16.23 -21.92 -19.54
C PRO A 13 17.65 -22.31 -19.12
N ALA A 14 18.62 -22.17 -20.02
CA ALA A 14 19.99 -22.56 -19.66
C ALA A 14 20.56 -21.64 -18.59
N ALA A 15 20.32 -20.33 -18.72
CA ALA A 15 20.78 -19.39 -17.70
C ALA A 15 20.11 -19.66 -16.36
N GLN A 16 18.82 -19.98 -16.37
CA GLN A 16 18.12 -20.23 -15.13
C GLN A 16 18.67 -21.48 -14.44
N LYS A 17 18.98 -22.52 -15.21
CA LYS A 17 19.57 -23.72 -14.64
C LYS A 17 20.97 -23.46 -14.10
N LYS A 18 21.73 -22.58 -14.77
CA LYS A 18 23.05 -22.22 -14.28
C LYS A 18 22.96 -21.53 -12.92
N TRP A 19 22.05 -20.56 -12.79
CA TRP A 19 21.89 -19.89 -11.50
C TRP A 19 21.37 -20.84 -10.44
N ASP A 20 20.39 -21.67 -10.78
CA ASP A 20 19.83 -22.62 -9.83
C ASP A 20 20.92 -23.56 -9.32
N ASP A 21 21.74 -24.09 -10.23
CA ASP A 21 22.79 -25.02 -9.85
C ASP A 21 23.80 -24.37 -8.93
N ALA A 22 24.17 -23.12 -9.20
CA ALA A 22 25.09 -22.40 -8.35
C ALA A 22 24.45 -21.93 -7.04
N ARG A 23 23.12 -22.05 -6.94
CA ARG A 23 22.38 -21.69 -5.73
C ARG A 23 22.65 -20.25 -5.30
N ILE A 24 22.84 -19.37 -6.28
CA ILE A 24 23.24 -18.01 -5.95
C ILE A 24 22.16 -17.25 -5.21
N SER A 25 20.89 -17.66 -5.35
CA SER A 25 19.81 -16.97 -4.67
C SER A 25 19.34 -17.68 -3.41
N ASN A 26 19.92 -18.82 -3.09
CA ASN A 26 19.61 -19.56 -1.87
C ASN A 26 20.57 -19.12 -0.78
N VAL A 27 20.09 -18.31 0.15
CA VAL A 27 20.99 -17.68 1.11
C VAL A 27 20.69 -18.17 2.51
N SER A 28 21.73 -18.15 3.34
CA SER A 28 21.68 -18.50 4.76
C SER A 28 22.12 -17.30 5.58
N GLU A 29 22.13 -17.47 6.90
CA GLU A 29 22.53 -16.41 7.82
C GLU A 29 24.06 -16.39 7.94
N ASP A 30 24.70 -15.96 6.85
CA ASP A 30 26.15 -16.01 6.73
C ASP A 30 26.76 -14.73 7.29
N ALA A 31 27.36 -14.83 8.48
CA ALA A 31 27.92 -13.67 9.16
C ALA A 31 29.11 -13.05 8.46
N SER A 32 29.68 -13.71 7.44
CA SER A 32 30.87 -13.21 6.76
C SER A 32 30.54 -12.31 5.58
N LYS A 33 29.30 -12.31 5.10
CA LYS A 33 28.92 -11.43 4.02
C LYS A 33 27.85 -10.45 4.49
N PRO A 34 27.94 -9.18 4.10
CA PRO A 34 26.94 -8.20 4.56
C PRO A 34 25.56 -8.51 4.00
N LYS A 35 24.58 -8.55 4.88
CA LYS A 35 23.22 -8.90 4.46
C LYS A 35 22.58 -7.76 3.67
N TYR A 36 21.66 -8.14 2.79
CA TYR A 36 20.77 -7.17 2.16
C TYR A 36 19.44 -7.87 1.94
N TYR A 37 18.36 -7.28 2.45
CA TYR A 37 17.02 -7.86 2.39
C TYR A 37 16.18 -6.98 1.45
N CYS A 38 15.89 -7.50 0.27
CA CYS A 38 15.12 -6.78 -0.74
C CYS A 38 13.81 -7.53 -0.96
N LEU A 39 12.70 -6.84 -0.72
CA LEU A 39 11.40 -7.49 -0.64
C LEU A 39 10.39 -6.77 -1.52
N SER A 40 9.74 -7.52 -2.40
CA SER A 40 8.59 -7.03 -3.14
C SER A 40 7.31 -7.57 -2.50
N MET A 41 6.26 -6.74 -2.49
CA MET A 41 5.00 -7.14 -1.87
C MET A 41 4.50 -8.44 -2.50
N PHE A 42 4.23 -9.44 -1.67
CA PHE A 42 3.90 -10.76 -2.22
C PHE A 42 2.48 -10.78 -2.79
N PRO A 43 2.25 -11.58 -3.83
CA PRO A 43 0.98 -11.52 -4.57
C PRO A 43 -0.13 -12.36 -3.97
N TYR A 44 -1.36 -11.95 -4.27
CA TYR A 44 -2.49 -12.85 -4.13
C TYR A 44 -2.39 -13.91 -5.22
N PRO A 45 -2.49 -15.21 -4.90
CA PRO A 45 -2.44 -16.22 -5.98
C PRO A 45 -3.77 -16.30 -6.73
N SER A 46 -4.01 -15.32 -7.59
CA SER A 46 -5.32 -15.13 -8.23
C SER A 46 -5.54 -16.04 -9.43
N GLY A 47 -4.50 -16.70 -9.96
CA GLY A 47 -4.64 -17.53 -11.13
C GLY A 47 -3.43 -17.41 -12.04
N LYS A 48 -3.11 -16.20 -12.47
CA LYS A 48 -1.92 -15.99 -13.29
C LYS A 48 -1.38 -14.59 -13.03
N LEU A 49 -0.10 -14.41 -13.33
CA LEU A 49 0.51 -13.10 -13.21
C LEU A 49 -0.17 -12.11 -14.14
N HIS A 50 -0.27 -10.86 -13.68
CA HIS A 50 -0.61 -9.75 -14.58
C HIS A 50 0.56 -8.80 -14.67
N MET A 51 0.42 -7.77 -15.51
CA MET A 51 1.57 -6.93 -15.83
C MET A 51 2.06 -6.15 -14.61
N GLY A 52 1.16 -5.84 -13.66
CA GLY A 52 1.61 -5.19 -12.44
C GLY A 52 2.56 -6.04 -11.64
N HIS A 53 2.30 -7.36 -11.58
CA HIS A 53 3.25 -8.29 -10.95
C HIS A 53 4.61 -8.22 -11.64
N VAL A 54 4.62 -8.31 -12.97
CA VAL A 54 5.89 -8.34 -13.68
C VAL A 54 6.69 -7.08 -13.41
N ARG A 55 6.02 -5.93 -13.38
CA ARG A 55 6.73 -4.68 -13.11
C ARG A 55 7.30 -4.67 -11.70
N ASN A 56 6.48 -5.01 -10.71
CA ASN A 56 6.93 -5.02 -9.32
C ASN A 56 8.12 -5.96 -9.14
N TYR A 57 8.02 -7.18 -9.63
CA TYR A 57 9.07 -8.13 -9.30
C TYR A 57 10.31 -7.94 -10.16
N THR A 58 10.17 -7.32 -11.33
CA THR A 58 11.36 -6.91 -12.08
C THR A 58 12.11 -5.80 -11.35
N ILE A 59 11.38 -4.81 -10.83
CA ILE A 59 12.03 -3.76 -10.05
C ILE A 59 12.80 -4.36 -8.88
N GLY A 60 12.13 -5.22 -8.11
CA GLY A 60 12.81 -5.89 -7.01
C GLY A 60 14.03 -6.66 -7.47
N ASP A 61 13.93 -7.33 -8.63
CA ASP A 61 15.04 -8.14 -9.09
C ASP A 61 16.21 -7.28 -9.58
N VAL A 62 15.92 -6.14 -10.20
CA VAL A 62 17.00 -5.22 -10.57
C VAL A 62 17.82 -4.84 -9.34
N LEU A 63 17.13 -4.38 -8.29
CA LEU A 63 17.83 -3.96 -7.09
C LEU A 63 18.54 -5.12 -6.41
N SER A 64 17.91 -6.29 -6.38
CA SER A 64 18.53 -7.45 -5.75
C SER A 64 19.79 -7.87 -6.48
N ARG A 65 19.72 -7.94 -7.81
CA ARG A 65 20.89 -8.36 -8.58
C ARG A 65 22.01 -7.33 -8.54
N PHE A 66 21.64 -6.05 -8.50
CA PHE A 66 22.63 -5.00 -8.34
C PHE A 66 23.40 -5.18 -7.02
N LYS A 67 22.68 -5.43 -5.93
CA LYS A 67 23.35 -5.62 -4.64
C LYS A 67 24.14 -6.92 -4.61
N LEU A 68 23.63 -7.96 -5.28
CA LEU A 68 24.38 -9.22 -5.39
C LEU A 68 25.74 -8.99 -6.04
N LEU A 69 25.76 -8.29 -7.18
CA LEU A 69 27.01 -8.01 -7.88
C LEU A 69 27.95 -7.14 -7.05
N ASN A 70 27.42 -6.41 -6.07
CA ASN A 70 28.22 -5.59 -5.20
C ASN A 70 28.64 -6.32 -3.92
N GLY A 71 28.48 -7.64 -3.88
CA GLY A 71 29.01 -8.44 -2.79
C GLY A 71 28.10 -8.65 -1.60
N PHE A 72 26.82 -8.27 -1.68
CA PHE A 72 25.92 -8.49 -0.56
C PHE A 72 25.37 -9.90 -0.55
N ASN A 73 25.05 -10.39 0.64
CA ASN A 73 24.30 -11.64 0.84
C ASN A 73 22.83 -11.28 0.75
N VAL A 74 22.25 -11.43 -0.43
CA VAL A 74 20.93 -10.85 -0.75
C VAL A 74 19.85 -11.89 -0.54
N MET A 75 18.88 -11.58 0.33
CA MET A 75 17.66 -12.35 0.44
C MET A 75 16.57 -11.66 -0.34
N GLN A 76 16.03 -12.35 -1.35
CA GLN A 76 14.88 -11.85 -2.09
C GLN A 76 13.84 -12.95 -2.07
N PRO A 77 12.93 -12.93 -1.11
CA PRO A 77 11.99 -14.05 -0.94
C PRO A 77 10.65 -13.78 -1.61
N MET A 78 9.91 -14.85 -1.94
CA MET A 78 8.57 -14.71 -2.47
C MET A 78 7.66 -15.74 -1.83
N GLY A 79 6.39 -15.42 -1.82
CA GLY A 79 5.38 -16.24 -1.20
C GLY A 79 4.03 -15.77 -1.66
N TRP A 80 2.99 -16.28 -1.00
CA TRP A 80 1.63 -16.15 -1.50
C TRP A 80 0.70 -15.66 -0.40
N ASP A 81 0.11 -14.49 -0.63
CA ASP A 81 -0.89 -13.87 0.25
C ASP A 81 -2.23 -14.52 -0.05
N ALA A 82 -2.49 -15.67 0.57
CA ALA A 82 -3.39 -16.66 -0.02
C ALA A 82 -4.84 -16.60 0.44
N PHE A 83 -5.14 -16.05 1.61
CA PHE A 83 -6.52 -16.00 2.07
C PHE A 83 -7.25 -14.82 1.40
N GLY A 84 -8.58 -14.83 1.53
CA GLY A 84 -9.38 -13.71 1.08
C GLY A 84 -10.51 -14.15 0.18
N MET A 85 -11.26 -13.14 -0.28
CA MET A 85 -12.51 -13.34 -1.02
C MET A 85 -12.35 -13.95 -2.42
N PRO A 86 -11.27 -13.63 -3.20
CA PRO A 86 -11.13 -14.24 -4.52
C PRO A 86 -11.42 -15.73 -4.57
N ALA A 87 -10.72 -16.52 -3.74
CA ALA A 87 -10.91 -17.97 -3.77
C ALA A 87 -12.33 -18.36 -3.38
N GLU A 88 -12.99 -17.57 -2.53
CA GLU A 88 -14.38 -17.88 -2.18
C GLU A 88 -15.30 -17.63 -3.35
N ASN A 89 -15.12 -16.52 -4.07
CA ASN A 89 -15.95 -16.27 -5.24
C ASN A 89 -15.71 -17.32 -6.31
N ALA A 90 -14.44 -17.64 -6.57
CA ALA A 90 -14.11 -18.71 -7.51
C ALA A 90 -14.77 -20.02 -7.10
N ALA A 91 -14.82 -20.28 -5.78
CA ALA A 91 -15.49 -21.48 -5.29
C ALA A 91 -16.97 -21.48 -5.66
N MET A 92 -17.67 -20.37 -5.41
CA MET A 92 -19.08 -20.32 -5.73
C MET A 92 -19.31 -20.31 -7.24
N LYS A 93 -18.37 -19.76 -8.00
CA LYS A 93 -18.54 -19.74 -9.45
C LYS A 93 -18.20 -21.07 -10.09
N ASN A 94 -17.19 -21.78 -9.56
CA ASN A 94 -16.69 -22.99 -10.20
C ASN A 94 -16.97 -24.27 -9.43
N ASN A 95 -17.57 -24.19 -8.24
CA ASN A 95 -17.89 -25.36 -7.42
C ASN A 95 -16.64 -26.17 -7.06
N VAL A 96 -15.58 -25.47 -6.68
CA VAL A 96 -14.34 -26.09 -6.24
C VAL A 96 -13.96 -25.51 -4.87
N ALA A 97 -13.12 -26.24 -4.16
CA ALA A 97 -12.70 -25.78 -2.84
C ALA A 97 -11.73 -24.61 -2.97
N PRO A 98 -11.91 -23.53 -2.18
CA PRO A 98 -10.95 -22.42 -2.23
C PRO A 98 -9.51 -22.86 -2.07
N ALA A 99 -9.25 -23.85 -1.20
CA ALA A 99 -7.90 -24.34 -1.03
C ALA A 99 -7.36 -24.98 -2.31
N ALA A 100 -8.17 -25.82 -2.95
CA ALA A 100 -7.74 -26.47 -4.19
C ALA A 100 -7.46 -25.44 -5.27
N TRP A 101 -8.36 -24.48 -5.42
CA TRP A 101 -8.15 -23.40 -6.37
C TRP A 101 -6.88 -22.62 -6.06
N THR A 102 -6.64 -22.34 -4.78
CA THR A 102 -5.45 -21.58 -4.38
C THR A 102 -4.17 -22.34 -4.71
N TYR A 103 -4.09 -23.61 -4.31
CA TYR A 103 -2.84 -24.34 -4.52
C TYR A 103 -2.55 -24.55 -6.00
N ASP A 104 -3.59 -24.75 -6.81
CA ASP A 104 -3.37 -24.84 -8.25
C ASP A 104 -2.84 -23.53 -8.81
N ASN A 105 -3.39 -22.39 -8.36
CA ASN A 105 -2.92 -21.10 -8.83
C ASN A 105 -1.48 -20.85 -8.42
N ILE A 106 -1.12 -21.24 -7.20
CA ILE A 106 0.23 -21.04 -6.70
C ILE A 106 1.23 -21.76 -7.60
N GLU A 107 0.95 -23.03 -7.90
CA GLU A 107 1.86 -23.81 -8.74
C GLU A 107 2.04 -23.16 -10.11
N TYR A 108 0.94 -22.67 -10.70
CA TYR A 108 1.05 -22.06 -12.02
C TYR A 108 1.85 -20.75 -11.95
N MET A 109 1.47 -19.86 -11.02
CA MET A 109 2.16 -18.57 -10.96
C MET A 109 3.62 -18.73 -10.57
N LYS A 110 3.94 -19.73 -9.75
CA LYS A 110 5.34 -19.96 -9.42
C LYS A 110 6.17 -20.31 -10.65
N THR A 111 5.62 -21.16 -11.52
CA THR A 111 6.28 -21.47 -12.78
C THR A 111 6.49 -20.20 -13.61
N GLN A 112 5.49 -19.32 -13.64
CA GLN A 112 5.64 -18.07 -14.36
C GLN A 112 6.77 -17.23 -13.79
N LEU A 113 6.79 -17.06 -12.46
CA LEU A 113 7.86 -16.25 -11.86
C LEU A 113 9.23 -16.85 -12.17
N LYS A 114 9.36 -18.18 -12.08
CA LYS A 114 10.63 -18.82 -12.39
C LYS A 114 11.03 -18.58 -13.84
N SER A 115 10.06 -18.58 -14.75
CA SER A 115 10.37 -18.33 -16.16
C SER A 115 10.84 -16.89 -16.40
N LEU A 116 10.52 -15.96 -15.51
CA LEU A 116 11.02 -14.60 -15.68
C LEU A 116 12.43 -14.43 -15.15
N GLY A 117 12.99 -15.45 -14.50
CA GLY A 117 14.37 -15.40 -14.05
C GLY A 117 14.62 -14.51 -12.87
N PHE A 118 13.64 -14.35 -11.98
CA PHE A 118 13.87 -13.58 -10.77
C PHE A 118 14.78 -14.37 -9.82
N ALA A 119 15.73 -13.65 -9.21
CA ALA A 119 16.73 -14.26 -8.32
C ALA A 119 16.14 -14.40 -6.92
N VAL A 120 15.24 -15.37 -6.79
CA VAL A 120 14.39 -15.53 -5.60
C VAL A 120 14.89 -16.73 -4.81
N ASP A 121 14.87 -16.61 -3.48
CA ASP A 121 15.22 -17.75 -2.62
C ASP A 121 13.96 -18.58 -2.42
N TRP A 122 13.75 -19.54 -3.34
CA TRP A 122 12.52 -20.31 -3.29
C TRP A 122 12.48 -21.25 -2.09
N GLU A 123 13.62 -21.52 -1.45
CA GLU A 123 13.60 -22.30 -0.23
C GLU A 123 12.94 -21.58 0.95
N ARG A 124 12.67 -20.28 0.80
CA ARG A 124 12.01 -19.49 1.84
C ARG A 124 10.54 -19.24 1.53
N GLU A 125 10.01 -19.88 0.49
CA GLU A 125 8.62 -19.70 0.09
C GLU A 125 7.67 -19.93 1.26
N VAL A 126 6.64 -19.10 1.35
CA VAL A 126 5.57 -19.30 2.32
C VAL A 126 4.24 -19.18 1.60
N ALA A 127 3.22 -19.85 2.15
CA ALA A 127 1.85 -19.72 1.69
C ALA A 127 0.99 -19.47 2.93
N THR A 128 0.36 -18.29 2.99
CA THR A 128 -0.24 -17.89 4.25
C THR A 128 -1.47 -18.70 4.62
N CYS A 129 -2.02 -19.49 3.69
CA CYS A 129 -3.17 -20.33 4.01
C CYS A 129 -2.77 -21.67 4.60
N LYS A 130 -1.47 -21.97 4.69
CA LYS A 130 -1.04 -23.22 5.32
C LYS A 130 -1.01 -23.05 6.84
N PRO A 131 -1.44 -24.07 7.59
CA PRO A 131 -1.42 -23.95 9.06
C PRO A 131 -0.03 -23.70 9.62
N GLU A 132 1.03 -24.17 8.95
CA GLU A 132 2.38 -23.89 9.39
C GLU A 132 2.68 -22.38 9.39
N TYR A 133 1.98 -21.61 8.56
CA TYR A 133 2.09 -20.15 8.62
C TYR A 133 1.13 -19.56 9.64
N TYR A 134 -0.19 -19.77 9.46
CA TYR A 134 -1.12 -18.94 10.21
C TYR A 134 -1.24 -19.33 11.67
N ARG A 135 -0.69 -20.47 12.08
CA ARG A 135 -0.66 -20.80 13.50
C ARG A 135 0.04 -19.71 14.30
N TRP A 136 0.99 -19.00 13.68
CA TRP A 136 1.78 -18.05 14.46
C TRP A 136 1.06 -16.72 14.64
N GLU A 137 0.18 -16.34 13.72
CA GLU A 137 -0.61 -15.16 13.99
C GLU A 137 -1.79 -15.49 14.91
N GLN A 138 -2.28 -16.73 14.90
CA GLN A 138 -3.17 -17.17 15.97
C GLN A 138 -2.45 -17.11 17.32
N TRP A 139 -1.20 -17.58 17.37
CA TRP A 139 -0.43 -17.51 18.60
C TRP A 139 -0.32 -16.08 19.10
N LEU A 140 0.07 -15.15 18.23
CA LEU A 140 0.19 -13.75 18.65
C LEU A 140 -1.15 -13.19 19.11
N PHE A 141 -2.22 -13.49 18.36
CA PHE A 141 -3.57 -13.12 18.78
C PHE A 141 -3.84 -13.53 20.23
N THR A 142 -3.56 -14.79 20.59
CA THR A 142 -3.88 -15.22 21.95
C THR A 142 -3.03 -14.48 22.97
N LYS A 143 -1.77 -14.21 22.65
CA LYS A 143 -0.90 -13.47 23.58
C LYS A 143 -1.41 -12.05 23.80
N LEU A 144 -1.86 -11.38 22.73
CA LEU A 144 -2.35 -10.02 22.89
C LEU A 144 -3.75 -9.99 23.50
N PHE A 145 -4.56 -11.03 23.25
CA PHE A 145 -5.88 -11.11 23.87
C PHE A 145 -5.78 -11.17 25.38
N GLU A 146 -4.83 -11.96 25.90
CA GLU A 146 -4.62 -12.01 27.34
C GLU A 146 -4.18 -10.66 27.89
N LYS A 147 -3.41 -9.89 27.11
CA LYS A 147 -2.95 -8.58 27.55
C LYS A 147 -3.97 -7.48 27.31
N GLY A 148 -5.12 -7.79 26.73
CA GLY A 148 -6.11 -6.77 26.39
C GLY A 148 -5.76 -5.91 25.19
N ILE A 149 -4.64 -6.19 24.50
CA ILE A 149 -4.32 -5.46 23.27
C ILE A 149 -5.23 -5.91 22.14
N VAL A 150 -5.70 -7.15 22.20
CA VAL A 150 -6.82 -7.61 21.40
C VAL A 150 -8.00 -7.72 22.36
N TYR A 151 -9.17 -7.20 21.94
CA TYR A 151 -10.35 -7.23 22.79
C TYR A 151 -11.58 -7.42 21.93
N ARG A 152 -12.68 -7.76 22.58
CA ARG A 152 -13.93 -8.10 21.92
C ARG A 152 -14.99 -7.11 22.37
N LYS A 153 -15.68 -6.49 21.41
CA LYS A 153 -16.74 -5.56 21.77
C LYS A 153 -17.76 -5.53 20.63
N ASN A 154 -18.98 -5.11 20.95
CA ASN A 154 -19.99 -4.97 19.91
C ASN A 154 -19.62 -3.85 18.94
N GLY A 155 -19.81 -4.13 17.65
CA GLY A 155 -19.68 -3.11 16.63
C GLY A 155 -20.82 -3.23 15.63
N THR A 156 -20.93 -2.23 14.75
CA THR A 156 -22.01 -2.18 13.77
C THR A 156 -21.49 -2.60 12.41
N VAL A 157 -22.19 -3.53 11.78
CA VAL A 157 -21.85 -4.00 10.44
C VAL A 157 -23.01 -3.76 9.48
N ASN A 158 -22.70 -3.81 8.19
CA ASN A 158 -23.70 -3.77 7.12
C ASN A 158 -24.06 -5.20 6.75
N TRP A 159 -25.30 -5.59 7.03
CA TRP A 159 -25.77 -6.94 6.73
C TRP A 159 -26.60 -6.93 5.46
N ASP A 160 -26.22 -7.76 4.49
CA ASP A 160 -27.01 -7.95 3.27
C ASP A 160 -27.91 -9.15 3.48
N PRO A 161 -29.23 -8.97 3.60
CA PRO A 161 -30.11 -10.10 3.90
C PRO A 161 -30.37 -11.02 2.71
N VAL A 162 -30.01 -10.62 1.49
CA VAL A 162 -30.22 -11.49 0.34
C VAL A 162 -28.99 -12.34 0.06
N ASP A 163 -27.80 -11.74 0.09
CA ASP A 163 -26.58 -12.52 -0.03
C ASP A 163 -26.16 -13.18 1.28
N GLN A 164 -26.82 -12.84 2.39
CA GLN A 164 -26.52 -13.43 3.70
C GLN A 164 -25.05 -13.28 4.03
N THR A 165 -24.57 -12.05 4.02
CA THR A 165 -23.18 -11.79 4.34
C THR A 165 -23.00 -10.33 4.73
N VAL A 166 -21.88 -10.05 5.40
CA VAL A 166 -21.53 -8.71 5.84
C VAL A 166 -20.78 -8.00 4.73
N LEU A 167 -21.08 -6.71 4.54
CA LEU A 167 -20.49 -5.92 3.47
C LEU A 167 -19.73 -4.73 4.05
N ALA A 168 -18.60 -4.41 3.44
CA ALA A 168 -17.91 -3.17 3.78
C ALA A 168 -18.65 -1.99 3.18
N ASN A 169 -18.38 -0.79 3.74
CA ASN A 169 -19.01 0.42 3.22
C ASN A 169 -18.80 0.57 1.73
N GLU A 170 -17.65 0.10 1.23
CA GLU A 170 -17.32 0.23 -0.18
C GLU A 170 -18.20 -0.64 -1.07
N GLN A 171 -18.82 -1.68 -0.50
CA GLN A 171 -19.74 -2.54 -1.25
C GLN A 171 -21.20 -2.19 -1.01
N VAL A 172 -21.47 -1.03 -0.42
CA VAL A 172 -22.82 -0.53 -0.24
C VAL A 172 -23.00 0.66 -1.17
N ILE A 173 -23.98 0.57 -2.06
CA ILE A 173 -24.30 1.63 -3.02
C ILE A 173 -25.73 2.07 -2.75
N ASP A 174 -25.92 3.35 -2.43
CA ASP A 174 -27.23 3.91 -2.17
C ASP A 174 -27.98 3.11 -1.11
N GLY A 175 -27.24 2.62 -0.11
CA GLY A 175 -27.83 1.83 0.94
C GLY A 175 -28.16 0.40 0.57
N ARG A 176 -27.69 -0.09 -0.57
CA ARG A 176 -28.03 -1.42 -1.07
C ARG A 176 -26.77 -2.21 -1.36
N GLY A 177 -26.89 -3.53 -1.25
CA GLY A 177 -25.75 -4.39 -1.54
C GLY A 177 -25.33 -4.27 -3.00
N TRP A 178 -24.00 -4.28 -3.21
CA TRP A 178 -23.46 -4.03 -4.55
C TRP A 178 -23.93 -5.09 -5.54
N ARG A 179 -23.97 -6.35 -5.12
CA ARG A 179 -24.40 -7.43 -6.00
C ARG A 179 -25.89 -7.73 -5.87
N SER A 180 -26.42 -7.79 -4.64
CA SER A 180 -27.81 -8.18 -4.48
C SER A 180 -28.77 -7.05 -4.84
N GLY A 181 -28.38 -5.80 -4.64
CA GLY A 181 -29.33 -4.73 -4.79
C GLY A 181 -30.32 -4.59 -3.66
N ALA A 182 -30.19 -5.41 -2.61
CA ALA A 182 -31.10 -5.37 -1.48
C ALA A 182 -30.65 -4.33 -0.46
N LEU A 183 -31.64 -3.72 0.21
CA LEU A 183 -31.34 -2.77 1.27
C LEU A 183 -30.51 -3.42 2.36
N ILE A 184 -29.42 -2.75 2.74
CA ILE A 184 -28.55 -3.18 3.83
C ILE A 184 -29.24 -2.96 5.18
N GLU A 185 -28.96 -3.85 6.13
CA GLU A 185 -29.40 -3.70 7.51
C GLU A 185 -28.19 -3.45 8.40
N LYS A 186 -28.27 -2.40 9.23
CA LYS A 186 -27.25 -2.14 10.24
C LYS A 186 -27.48 -3.08 11.42
N ARG A 187 -26.47 -3.87 11.77
CA ARG A 187 -26.56 -4.85 12.84
C ARG A 187 -25.41 -4.67 13.81
N GLU A 188 -25.71 -4.80 15.10
CA GLU A 188 -24.67 -4.78 16.13
C GLU A 188 -24.26 -6.22 16.44
N ILE A 189 -22.96 -6.52 16.31
CA ILE A 189 -22.45 -7.86 16.60
C ILE A 189 -21.13 -7.77 17.32
N PRO A 190 -20.84 -8.73 18.18
CA PRO A 190 -19.54 -8.74 18.87
C PRO A 190 -18.43 -9.02 17.88
N MET A 191 -17.37 -8.21 17.95
CA MET A 191 -16.23 -8.39 17.07
C MET A 191 -14.95 -8.16 17.85
N TYR A 192 -13.83 -8.52 17.24
CA TYR A 192 -12.52 -8.41 17.85
C TYR A 192 -11.75 -7.25 17.24
N TYR A 193 -10.97 -6.57 18.08
CA TYR A 193 -10.25 -5.36 17.69
C TYR A 193 -8.82 -5.41 18.20
N PHE A 194 -7.87 -4.95 17.38
CA PHE A 194 -6.55 -4.60 17.88
C PHE A 194 -6.59 -3.18 18.44
N LYS A 195 -6.05 -3.01 19.64
CA LYS A 195 -6.00 -1.69 20.28
C LYS A 195 -4.83 -0.88 19.72
N ILE A 196 -4.91 -0.61 18.40
CA ILE A 196 -3.83 0.10 17.74
C ILE A 196 -3.72 1.54 18.25
N THR A 197 -4.81 2.09 18.81
CA THR A 197 -4.73 3.45 19.36
C THR A 197 -3.76 3.53 20.54
N ASP A 198 -3.51 2.41 21.24
CA ASP A 198 -2.49 2.42 22.29
C ASP A 198 -1.10 2.71 21.74
N TYR A 199 -0.88 2.45 20.45
CA TYR A 199 0.41 2.68 19.80
C TYR A 199 0.39 3.90 18.89
N ALA A 200 -0.65 4.73 18.95
CA ALA A 200 -0.79 5.84 18.00
C ALA A 200 0.42 6.76 18.05
N GLU A 201 0.86 7.14 19.25
CA GLU A 201 1.95 8.11 19.35
C GLU A 201 3.25 7.54 18.82
N GLU A 202 3.52 6.27 19.11
CA GLU A 202 4.72 5.63 18.60
C GLU A 202 4.66 5.50 17.08
N LEU A 203 3.51 5.06 16.55
CA LEU A 203 3.36 4.95 15.10
C LEU A 203 3.51 6.30 14.41
N LEU A 204 3.09 7.37 15.07
CA LEU A 204 3.20 8.70 14.48
C LEU A 204 4.63 9.20 14.54
N ASN A 205 5.23 9.14 15.73
CA ASN A 205 6.54 9.75 15.93
C ASN A 205 7.65 8.99 15.21
N ASP A 206 7.54 7.66 15.14
CA ASP A 206 8.60 6.88 14.50
C ASP A 206 8.66 7.08 13.00
N LEU A 207 7.61 7.66 12.40
CA LEU A 207 7.68 8.03 10.99
C LEU A 207 8.86 8.94 10.71
N ASP A 208 9.24 9.78 11.68
CA ASP A 208 10.35 10.70 11.46
C ASP A 208 11.68 9.97 11.26
N LYS A 209 11.79 8.73 11.74
CA LYS A 209 12.99 7.95 11.53
C LYS A 209 13.17 7.54 10.07
N LEU A 210 12.11 7.59 9.27
CA LEU A 210 12.10 6.94 7.96
C LEU A 210 12.57 7.93 6.89
N GLU A 211 13.87 8.24 6.94
CA GLU A 211 14.45 9.20 6.01
C GLU A 211 14.46 8.70 4.57
N HIS A 212 14.30 7.40 4.35
CA HIS A 212 14.29 6.86 2.99
C HIS A 212 12.91 6.39 2.56
N TRP A 213 11.85 6.94 3.17
CA TRP A 213 10.50 6.79 2.68
C TRP A 213 10.08 8.03 1.90
N PRO A 214 9.24 7.88 0.87
CA PRO A 214 8.71 9.06 0.19
C PRO A 214 7.92 9.92 1.16
N GLU A 215 8.06 11.25 1.02
CA GLU A 215 7.40 12.13 1.96
C GLU A 215 5.88 11.99 1.90
N GLN A 216 5.32 11.70 0.73
CA GLN A 216 3.87 11.59 0.62
C GLN A 216 3.34 10.41 1.43
N VAL A 217 4.06 9.29 1.44
CA VAL A 217 3.59 8.14 2.20
C VAL A 217 3.57 8.48 3.69
N LYS A 218 4.62 9.14 4.17
CA LYS A 218 4.66 9.53 5.57
C LYS A 218 3.56 10.55 5.87
N THR A 219 3.31 11.49 4.96
CA THR A 219 2.23 12.45 5.16
C THR A 219 0.88 11.77 5.23
N MET A 220 0.65 10.78 4.36
CA MET A 220 -0.62 10.06 4.40
C MET A 220 -0.78 9.30 5.70
N GLN A 221 0.30 8.68 6.20
CA GLN A 221 0.22 8.01 7.49
C GLN A 221 -0.05 8.99 8.62
N ARG A 222 0.61 10.15 8.60
CA ARG A 222 0.37 11.14 9.66
C ARG A 222 -1.07 11.60 9.66
N ASN A 223 -1.62 11.88 8.47
CA ASN A 223 -3.00 12.34 8.39
C ASN A 223 -3.98 11.24 8.79
N TRP A 224 -3.66 9.98 8.48
CA TRP A 224 -4.52 8.87 8.87
C TRP A 224 -4.56 8.74 10.38
N ILE A 225 -3.41 8.79 11.03
CA ILE A 225 -3.35 8.75 12.50
C ILE A 225 -4.06 9.97 13.07
N GLY A 226 -3.81 11.14 12.50
CA GLY A 226 -4.58 12.34 12.76
C GLY A 226 -4.54 12.80 14.21
N LYS A 227 -3.34 12.94 14.75
CA LYS A 227 -3.20 13.49 16.09
C LYS A 227 -3.49 14.99 16.06
N SER A 228 -4.21 15.48 17.06
CA SER A 228 -4.39 16.91 17.19
C SER A 228 -4.27 17.30 18.65
N ARG A 229 -3.75 18.50 18.89
CA ARG A 229 -3.66 19.07 20.22
C ARG A 229 -4.73 20.16 20.30
N GLY A 230 -5.73 19.95 21.13
CA GLY A 230 -6.86 20.83 21.15
C GLY A 230 -7.35 21.16 22.53
N MET A 231 -8.65 21.42 22.61
CA MET A 231 -9.28 21.90 23.83
C MET A 231 -10.63 21.24 23.96
N THR A 232 -10.89 20.69 25.14
CA THR A 232 -12.25 20.34 25.53
C THR A 232 -12.93 21.61 26.04
N VAL A 233 -14.15 21.87 25.57
CA VAL A 233 -14.91 23.06 25.97
C VAL A 233 -16.32 22.62 26.32
N ARG A 234 -16.81 23.04 27.48
CA ARG A 234 -18.15 22.71 27.93
C ARG A 234 -19.01 23.95 27.85
N PHE A 235 -20.10 23.87 27.08
CA PHE A 235 -21.07 24.95 26.95
C PHE A 235 -22.28 24.59 27.81
N ALA A 236 -22.58 25.44 28.79
CA ALA A 236 -23.74 25.18 29.64
C ALA A 236 -25.02 25.15 28.81
N VAL A 237 -25.86 24.17 29.08
CA VAL A 237 -27.17 24.10 28.43
C VAL A 237 -28.08 25.15 29.03
N SER A 238 -28.72 25.96 28.16
CA SER A 238 -29.61 27.01 28.64
C SER A 238 -30.76 26.42 29.44
N ASP A 239 -31.29 27.22 30.38
CA ASP A 239 -32.33 26.74 31.28
C ASP A 239 -33.58 26.29 30.51
N ASP A 240 -33.81 26.84 29.33
CA ASP A 240 -35.00 26.53 28.55
C ASP A 240 -34.81 25.33 27.62
N SER A 241 -33.65 24.67 27.66
CA SER A 241 -33.29 23.65 26.69
C SER A 241 -32.97 22.30 27.33
N LYS A 242 -33.46 22.04 28.54
CA LYS A 242 -33.05 20.87 29.30
C LYS A 242 -34.06 19.73 29.26
N GLN A 243 -35.20 19.90 28.60
CA GLN A 243 -36.20 18.84 28.53
C GLN A 243 -35.60 17.57 27.94
N GLY A 244 -35.84 16.44 28.60
CA GLY A 244 -35.41 15.14 28.11
C GLY A 244 -33.96 14.79 28.34
N LEU A 245 -33.22 15.62 29.06
CA LEU A 245 -31.78 15.43 29.21
C LEU A 245 -31.45 14.90 30.61
N GLU A 246 -30.44 14.04 30.68
CA GLU A 246 -30.08 13.37 31.92
C GLU A 246 -28.59 13.54 32.21
N GLY A 247 -28.26 13.56 33.49
CA GLY A 247 -26.87 13.60 33.90
C GLY A 247 -26.15 14.86 33.43
N ASP A 248 -24.90 14.69 33.04
CA ASP A 248 -24.11 15.81 32.54
C ASP A 248 -24.65 16.38 31.24
N TYR A 249 -25.46 15.61 30.51
CA TYR A 249 -26.00 16.12 29.25
C TYR A 249 -27.07 17.18 29.49
N ALA A 250 -27.69 17.19 30.66
CA ALA A 250 -28.56 18.28 31.06
C ALA A 250 -27.79 19.49 31.57
N LYS A 251 -26.52 19.32 31.96
CA LYS A 251 -25.75 20.43 32.50
C LYS A 251 -25.00 21.16 31.40
N PHE A 252 -24.31 20.44 30.53
CA PHE A 252 -23.47 21.09 29.53
C PHE A 252 -23.38 20.24 28.28
N LEU A 253 -23.05 20.90 27.19
CA LEU A 253 -22.65 20.25 25.94
C LEU A 253 -21.14 20.36 25.83
N GLN A 254 -20.45 19.23 25.88
CA GLN A 254 -19.00 19.19 25.81
C GLN A 254 -18.57 18.94 24.38
N VAL A 255 -17.62 19.73 23.89
CA VAL A 255 -17.11 19.61 22.53
C VAL A 255 -15.59 19.57 22.59
N TYR A 256 -14.99 19.15 21.48
CA TYR A 256 -13.56 19.20 21.28
C TYR A 256 -13.28 20.11 20.09
N THR A 257 -12.34 21.02 20.25
CA THR A 257 -11.93 21.90 19.15
C THR A 257 -10.42 21.98 19.10
N THR A 258 -9.87 22.04 17.87
CA THR A 258 -8.47 22.33 17.67
C THR A 258 -8.20 23.82 17.51
N ARG A 259 -9.22 24.66 17.62
CA ARG A 259 -9.08 26.10 17.43
C ARG A 259 -9.72 26.86 18.58
N PRO A 260 -9.30 26.62 19.83
CA PRO A 260 -9.85 27.39 20.94
C PRO A 260 -9.50 28.87 20.86
N ASP A 261 -8.50 29.23 20.04
CA ASP A 261 -8.19 30.65 19.84
C ASP A 261 -9.32 31.40 19.14
N THR A 262 -10.25 30.68 18.51
CA THR A 262 -11.38 31.29 17.81
C THR A 262 -12.70 31.13 18.56
N LEU A 263 -12.65 30.67 19.82
CA LEU A 263 -13.87 30.41 20.57
C LEU A 263 -14.76 31.63 20.66
N MET A 264 -14.18 32.83 20.63
CA MET A 264 -14.97 34.05 20.61
C MET A 264 -15.78 34.19 19.33
N GLY A 265 -15.43 33.46 18.28
CA GLY A 265 -16.13 33.52 17.01
C GLY A 265 -17.10 32.39 16.73
N ALA A 266 -17.39 31.53 17.71
CA ALA A 266 -18.37 30.48 17.51
C ALA A 266 -19.75 31.09 17.36
N THR A 267 -20.50 30.62 16.36
CA THR A 267 -21.83 31.14 16.10
C THR A 267 -22.93 30.09 16.19
N TYR A 268 -22.58 28.82 16.26
CA TYR A 268 -23.51 27.73 16.57
C TYR A 268 -22.67 26.52 16.93
N VAL A 269 -23.33 25.46 17.39
CA VAL A 269 -22.67 24.19 17.69
C VAL A 269 -23.43 23.07 16.98
N ALA A 270 -22.73 21.96 16.73
CA ALA A 270 -23.33 20.84 16.00
C ALA A 270 -23.06 19.54 16.73
N VAL A 271 -24.05 18.65 16.77
CA VAL A 271 -23.95 17.37 17.46
C VAL A 271 -24.22 16.23 16.47
N ALA A 272 -23.71 15.05 16.82
CA ALA A 272 -23.98 13.86 16.04
C ALA A 272 -25.45 13.45 16.17
N ALA A 273 -25.91 12.65 15.21
CA ALA A 273 -27.29 12.15 15.23
C ALA A 273 -27.57 11.35 16.48
N GLU A 274 -26.57 10.68 17.04
CA GLU A 274 -26.72 9.85 18.24
C GLU A 274 -26.58 10.63 19.55
N HIS A 275 -26.24 11.90 19.48
CA HIS A 275 -25.99 12.68 20.69
C HIS A 275 -27.28 12.82 21.50
N PRO A 276 -27.21 12.75 22.84
CA PRO A 276 -28.42 12.91 23.65
C PRO A 276 -29.19 14.20 23.38
N LEU A 277 -28.50 15.28 23.01
CA LEU A 277 -29.22 16.51 22.67
C LEU A 277 -30.08 16.32 21.42
N ALA A 278 -29.55 15.59 20.43
CA ALA A 278 -30.35 15.28 19.26
C ALA A 278 -31.55 14.42 19.62
N THR A 279 -31.33 13.41 20.46
CA THR A 279 -32.42 12.52 20.88
C THR A 279 -33.53 13.32 21.57
N ALA A 280 -33.14 14.18 22.51
CA ALA A 280 -34.14 14.96 23.24
C ALA A 280 -34.85 15.96 22.34
N ALA A 281 -34.10 16.65 21.47
CA ALA A 281 -34.74 17.61 20.56
C ALA A 281 -35.70 16.92 19.60
N ALA A 282 -35.33 15.72 19.12
CA ALA A 282 -36.11 15.02 18.11
C ALA A 282 -37.38 14.37 18.66
N ALA A 283 -37.60 14.44 19.97
CA ALA A 283 -38.70 13.68 20.59
C ALA A 283 -40.06 14.07 20.00
N ASP A 284 -40.24 15.36 19.69
CA ASP A 284 -41.54 15.85 19.24
C ASP A 284 -41.47 16.48 17.85
N LYS A 285 -40.41 16.20 17.09
CA LYS A 285 -40.17 16.84 15.80
C LYS A 285 -39.85 15.80 14.74
N PRO A 286 -40.83 15.43 13.91
CA PRO A 286 -40.58 14.38 12.89
C PRO A 286 -39.44 14.67 11.93
N GLU A 287 -39.20 15.93 11.57
CA GLU A 287 -38.10 16.23 10.65
C GLU A 287 -36.76 15.86 11.28
N LEU A 288 -36.60 16.10 12.58
CA LEU A 288 -35.38 15.69 13.26
C LEU A 288 -35.26 14.17 13.31
N GLN A 289 -36.37 13.47 13.59
CA GLN A 289 -36.34 12.01 13.59
C GLN A 289 -35.89 11.48 12.23
N ALA A 290 -36.43 12.04 11.14
CA ALA A 290 -36.04 11.58 9.82
C ALA A 290 -34.59 11.91 9.50
N PHE A 291 -34.12 13.08 9.94
CA PHE A 291 -32.72 13.41 9.72
C PHE A 291 -31.82 12.44 10.48
N ILE A 292 -32.17 12.11 11.72
CA ILE A 292 -31.35 11.20 12.51
C ILE A 292 -31.32 9.82 11.86
N ALA A 293 -32.47 9.34 11.38
CA ALA A 293 -32.53 8.02 10.74
C ALA A 293 -31.67 7.97 9.48
N GLU A 294 -31.68 9.05 8.69
CA GLU A 294 -30.87 9.09 7.49
C GLU A 294 -29.38 9.02 7.81
N CYS A 295 -28.96 9.73 8.86
CA CYS A 295 -27.56 9.66 9.28
C CYS A 295 -27.17 8.24 9.69
N LYS A 296 -28.01 7.60 10.49
CA LYS A 296 -27.69 6.25 10.96
C LYS A 296 -27.66 5.23 9.83
N ALA A 297 -28.47 5.44 8.79
CA ALA A 297 -28.52 4.52 7.66
C ALA A 297 -27.40 4.75 6.66
N GLY A 298 -26.61 5.81 6.80
CA GLY A 298 -25.53 6.06 5.86
C GLY A 298 -24.42 5.04 6.00
N SER A 299 -23.74 4.77 4.88
CA SER A 299 -22.60 3.87 4.84
C SER A 299 -21.46 4.50 4.05
N VAL A 300 -21.04 5.68 4.49
CA VAL A 300 -20.02 6.45 3.76
C VAL A 300 -18.64 5.88 4.09
N ALA A 301 -17.91 5.45 3.06
CA ALA A 301 -16.55 4.97 3.27
C ALA A 301 -15.64 6.11 3.70
N GLU A 302 -14.53 5.75 4.36
CA GLU A 302 -13.65 6.77 4.92
C GLU A 302 -13.06 7.65 3.83
N ALA A 303 -12.59 7.04 2.74
CA ALA A 303 -11.98 7.81 1.65
C ALA A 303 -12.96 8.79 1.03
N ASP A 304 -14.26 8.63 1.27
CA ASP A 304 -15.29 9.48 0.71
C ASP A 304 -15.92 10.42 1.71
N MET A 305 -15.52 10.36 2.99
CA MET A 305 -16.21 11.12 4.03
C MET A 305 -16.17 12.63 3.76
N ALA A 306 -15.01 13.14 3.33
CA ALA A 306 -14.88 14.58 3.14
C ALA A 306 -15.69 15.08 1.94
N THR A 307 -15.90 14.23 0.93
CA THR A 307 -16.68 14.63 -0.24
C THR A 307 -18.18 14.59 -0.01
N MET A 308 -18.63 13.97 1.08
CA MET A 308 -20.06 13.94 1.38
C MET A 308 -20.59 15.36 1.55
N GLU A 309 -21.75 15.62 0.96
CA GLU A 309 -22.38 16.92 1.15
C GLU A 309 -22.79 17.08 2.61
N LYS A 310 -22.45 18.23 3.20
CA LYS A 310 -22.71 18.48 4.62
C LYS A 310 -24.10 19.08 4.81
N LYS A 311 -24.84 18.53 5.78
CA LYS A 311 -26.24 18.90 6.00
C LYS A 311 -26.54 18.92 7.50
N GLY A 312 -27.51 19.74 7.87
CA GLY A 312 -27.88 19.83 9.28
C GLY A 312 -29.30 20.29 9.46
N VAL A 313 -29.78 20.17 10.69
CA VAL A 313 -31.10 20.70 11.05
C VAL A 313 -31.01 21.40 12.41
N PRO A 314 -31.69 22.53 12.58
CA PRO A 314 -31.70 23.18 13.89
C PRO A 314 -32.54 22.39 14.88
N THR A 315 -32.15 22.44 16.16
CA THR A 315 -32.87 21.71 17.19
C THR A 315 -33.81 22.58 18.01
N GLY A 316 -33.65 23.91 17.97
CA GLY A 316 -34.36 24.74 18.92
C GLY A 316 -33.81 24.70 20.33
N ARG A 317 -32.68 24.02 20.55
CA ARG A 317 -32.00 23.98 21.83
C ARG A 317 -30.78 24.88 21.80
N TYR A 318 -30.44 25.45 22.97
CA TYR A 318 -29.40 26.46 23.06
C TYR A 318 -28.40 26.13 24.16
N VAL A 319 -27.14 26.50 23.92
CA VAL A 319 -26.06 26.39 24.89
C VAL A 319 -25.37 27.74 24.97
N VAL A 320 -24.57 27.93 26.03
CA VAL A 320 -23.96 29.22 26.33
C VAL A 320 -22.44 29.11 26.20
N ASN A 321 -21.87 29.99 25.39
CA ASN A 321 -20.42 30.07 25.23
C ASN A 321 -19.79 30.48 26.56
N PRO A 322 -18.91 29.66 27.15
CA PRO A 322 -18.37 30.01 28.47
C PRO A 322 -17.45 31.21 28.46
N LEU A 323 -16.96 31.64 27.30
CA LEU A 323 -16.01 32.74 27.24
C LEU A 323 -16.70 34.10 27.15
N ASN A 324 -17.72 34.22 26.29
CA ASN A 324 -18.37 35.52 26.07
C ASN A 324 -19.83 35.56 26.49
N GLY A 325 -20.42 34.42 26.85
CA GLY A 325 -21.80 34.37 27.27
C GLY A 325 -22.84 34.30 26.17
N ASP A 326 -22.44 34.14 24.91
CA ASP A 326 -23.42 34.05 23.82
C ASP A 326 -24.25 32.78 23.94
N LYS A 327 -25.54 32.92 23.62
CA LYS A 327 -26.46 31.79 23.53
C LYS A 327 -26.43 31.27 22.09
N LEU A 328 -25.96 30.04 21.91
CA LEU A 328 -25.77 29.46 20.58
C LEU A 328 -26.77 28.33 20.36
N GLU A 329 -27.32 28.24 19.15
CA GLU A 329 -28.25 27.17 18.84
C GLU A 329 -27.50 25.88 18.48
N VAL A 330 -28.05 24.77 18.93
CA VAL A 330 -27.52 23.44 18.64
C VAL A 330 -28.13 22.93 17.35
N TRP A 331 -27.28 22.50 16.42
CA TRP A 331 -27.71 21.84 15.20
C TRP A 331 -27.31 20.37 15.26
N ILE A 332 -28.11 19.52 14.62
CA ILE A 332 -27.67 18.17 14.31
C ILE A 332 -27.06 18.21 12.91
N ALA A 333 -25.87 17.64 12.74
CA ALA A 333 -25.19 17.66 11.45
C ALA A 333 -24.68 16.28 11.09
N ASN A 334 -24.63 15.99 9.79
CA ASN A 334 -24.21 14.67 9.34
C ASN A 334 -22.70 14.47 9.34
N TYR A 335 -21.91 15.53 9.46
CA TYR A 335 -20.46 15.36 9.47
C TYR A 335 -19.90 15.15 10.87
N VAL A 336 -20.72 15.28 11.91
CA VAL A 336 -20.29 15.02 13.27
C VAL A 336 -20.56 13.55 13.60
N LEU A 337 -19.49 12.82 13.92
CA LEU A 337 -19.52 11.36 14.03
C LEU A 337 -19.52 10.97 15.50
N TRP A 338 -20.52 10.21 15.91
CA TRP A 338 -20.54 9.64 17.26
C TRP A 338 -19.37 8.66 17.41
N GLY A 339 -18.63 8.80 18.51
CA GLY A 339 -17.44 8.01 18.74
C GLY A 339 -16.15 8.75 18.46
N TYR A 340 -16.22 9.87 17.74
CA TYR A 340 -15.08 10.76 17.60
C TYR A 340 -15.21 11.85 18.66
N GLY A 341 -14.28 11.86 19.61
CA GLY A 341 -14.35 12.81 20.71
C GLY A 341 -15.67 12.71 21.43
N ASP A 342 -16.33 13.85 21.60
CA ASP A 342 -17.60 13.93 22.31
C ASP A 342 -18.79 13.78 21.38
N GLY A 343 -18.56 13.60 20.08
CA GLY A 343 -19.67 13.61 19.15
C GLY A 343 -20.35 14.96 19.09
N ALA A 344 -19.58 16.04 19.23
CA ALA A 344 -20.12 17.39 19.23
C ALA A 344 -18.98 18.35 18.96
N VAL A 345 -19.25 19.39 18.18
CA VAL A 345 -18.24 20.37 17.79
C VAL A 345 -18.86 21.76 17.90
N MET A 346 -17.99 22.75 17.99
CA MET A 346 -18.39 24.13 17.77
C MET A 346 -18.08 24.51 16.33
N ALA A 347 -18.71 25.59 15.87
CA ALA A 347 -18.50 26.04 14.49
C ALA A 347 -18.08 27.50 14.51
N VAL A 348 -16.98 27.80 13.82
CA VAL A 348 -16.51 29.17 13.62
C VAL A 348 -16.45 29.37 12.11
N PRO A 349 -17.54 29.82 11.48
CA PRO A 349 -17.57 29.88 10.01
C PRO A 349 -16.58 30.88 9.43
N ALA A 350 -16.12 31.86 10.18
CA ALA A 350 -15.16 32.82 9.63
C ALA A 350 -13.77 32.22 9.45
N HIS A 351 -13.44 31.12 10.13
CA HIS A 351 -12.06 30.64 10.10
C HIS A 351 -11.93 29.14 9.92
N ASP A 352 -12.99 28.44 9.53
CA ASP A 352 -12.94 27.03 9.17
C ASP A 352 -13.76 26.88 7.90
N GLU A 353 -13.16 26.31 6.85
CA GLU A 353 -13.80 26.37 5.54
C GLU A 353 -15.08 25.56 5.50
N ARG A 354 -15.09 24.39 6.16
CA ARG A 354 -16.30 23.58 6.19
C ARG A 354 -17.41 24.31 6.93
N ASP A 355 -17.08 24.97 8.05
CA ASP A 355 -18.07 25.77 8.74
C ASP A 355 -18.50 26.96 7.90
N PHE A 356 -17.59 27.52 7.11
CA PHE A 356 -17.97 28.62 6.22
C PHE A 356 -19.05 28.18 5.24
N GLU A 357 -18.83 27.04 4.56
CA GLU A 357 -19.80 26.56 3.58
C GLU A 357 -21.10 26.14 4.24
N PHE A 358 -21.02 25.55 5.44
CA PHE A 358 -22.22 25.18 6.17
C PHE A 358 -23.05 26.41 6.52
N ALA A 359 -22.40 27.42 7.11
CA ALA A 359 -23.10 28.64 7.48
C ALA A 359 -23.59 29.39 6.26
N ALA A 360 -22.84 29.35 5.16
CA ALA A 360 -23.29 30.01 3.94
C ALA A 360 -24.54 29.36 3.38
N LYS A 361 -24.65 28.04 3.51
CA LYS A 361 -25.84 27.33 3.05
C LYS A 361 -27.06 27.72 3.87
N TYR A 362 -26.92 27.78 5.19
CA TYR A 362 -28.04 27.98 6.10
C TYR A 362 -28.17 29.42 6.57
N ASN A 363 -27.38 30.33 6.00
CA ASN A 363 -27.35 31.75 6.38
C ASN A 363 -27.14 31.90 7.88
N LEU A 364 -26.21 31.12 8.43
CA LEU A 364 -25.81 31.25 9.82
C LEU A 364 -24.75 32.35 9.94
N PRO A 365 -24.62 32.95 11.13
CA PRO A 365 -23.69 34.08 11.28
C PRO A 365 -22.24 33.67 11.10
N LYS A 366 -21.44 34.62 10.61
CA LYS A 366 -19.99 34.47 10.52
C LYS A 366 -19.36 35.65 11.24
N LYS A 367 -18.50 35.35 12.21
CA LYS A 367 -17.89 36.36 13.08
C LYS A 367 -16.37 36.27 12.95
N GLN A 368 -15.76 37.32 12.41
CA GLN A 368 -14.31 37.35 12.31
C GLN A 368 -13.68 37.58 13.67
N VAL A 369 -12.78 36.68 14.07
CA VAL A 369 -11.97 36.86 15.27
C VAL A 369 -10.48 36.75 14.99
N ILE A 370 -10.07 36.50 13.75
CA ILE A 370 -8.65 36.46 13.39
C ILE A 370 -8.41 37.47 12.28
N ALA A 371 -7.31 38.21 12.39
CA ALA A 371 -6.85 39.12 11.35
C ALA A 371 -5.44 38.73 10.92
N VAL A 372 -5.17 38.82 9.61
CA VAL A 372 -3.86 38.52 9.05
C VAL A 372 -3.41 39.78 8.32
N GLY A 373 -2.55 40.58 8.96
CA GLY A 373 -2.08 41.81 8.36
C GLY A 373 -3.23 42.75 8.06
N ASP A 374 -3.12 43.45 6.93
CA ASP A 374 -4.16 44.37 6.48
C ASP A 374 -5.13 43.72 5.52
N ASN A 375 -5.15 42.39 5.42
CA ASN A 375 -6.04 41.70 4.50
C ASN A 375 -7.50 41.97 4.87
N ALA A 376 -8.32 42.12 3.84
CA ALA A 376 -9.74 42.42 4.02
C ALA A 376 -10.52 41.15 4.28
N PHE A 377 -11.43 41.21 5.25
CA PHE A 377 -12.32 40.10 5.55
C PHE A 377 -13.65 40.32 4.83
N ASP A 378 -14.09 39.32 4.08
CA ASP A 378 -15.37 39.35 3.38
C ASP A 378 -16.20 38.16 3.85
N ALA A 379 -17.29 38.45 4.56
CA ALA A 379 -18.15 37.42 5.11
C ALA A 379 -18.87 36.60 4.04
N ASN A 380 -18.84 37.03 2.78
CA ASN A 380 -19.54 36.35 1.70
C ASN A 380 -18.64 35.46 0.85
N ARG A 381 -17.32 35.55 0.99
CA ARG A 381 -16.41 34.75 0.18
C ARG A 381 -15.26 34.24 1.03
N TRP A 382 -15.03 32.92 0.99
CA TRP A 382 -13.92 32.34 1.72
C TRP A 382 -12.59 32.71 1.09
N GLN A 383 -11.62 33.05 1.92
CA GLN A 383 -10.24 33.26 1.49
C GLN A 383 -9.33 32.38 2.32
N GLU A 384 -8.24 31.93 1.70
CA GLU A 384 -7.34 30.98 2.36
C GLU A 384 -6.81 31.53 3.67
N TRP A 385 -6.51 32.83 3.73
CA TRP A 385 -5.93 33.38 4.95
C TRP A 385 -6.88 33.30 6.14
N TYR A 386 -8.18 33.12 5.90
CA TYR A 386 -9.12 32.95 7.00
C TYR A 386 -8.70 31.82 7.93
N GLY A 387 -8.14 30.75 7.37
CA GLY A 387 -7.73 29.59 8.13
C GLY A 387 -6.33 29.64 8.69
N ASP A 388 -5.60 30.72 8.42
CA ASP A 388 -4.19 30.78 8.81
C ASP A 388 -4.03 30.71 10.32
N LYS A 389 -3.13 29.84 10.77
CA LYS A 389 -2.81 29.71 12.18
C LYS A 389 -1.49 30.35 12.56
N GLU A 390 -0.64 30.66 11.59
CA GLU A 390 0.71 31.14 11.90
C GLU A 390 0.79 32.66 12.03
N ASN A 391 0.15 33.40 11.12
CA ASN A 391 0.38 34.83 11.02
C ASN A 391 -0.85 35.64 11.41
N GLY A 392 -1.78 35.06 12.17
CA GLY A 392 -2.96 35.77 12.61
C GLY A 392 -2.82 36.32 14.01
N VAL A 393 -3.59 37.37 14.29
CA VAL A 393 -3.78 37.85 15.66
C VAL A 393 -5.28 37.97 15.89
N LEU A 394 -5.67 37.85 17.16
CA LEU A 394 -7.08 37.85 17.52
C LEU A 394 -7.65 39.27 17.47
N VAL A 395 -8.85 39.38 16.91
CA VAL A 395 -9.62 40.60 16.92
C VAL A 395 -11.04 40.23 17.35
N ASN A 396 -11.81 41.24 17.73
CA ASN A 396 -13.20 41.04 18.17
C ASN A 396 -13.29 40.02 19.30
N SER A 397 -12.22 39.89 20.10
CA SER A 397 -12.13 38.84 21.10
C SER A 397 -11.89 39.40 22.50
N GLY A 398 -12.39 40.61 22.75
CA GLY A 398 -12.29 41.20 24.08
C GLY A 398 -10.83 41.29 24.53
N ASP A 399 -10.56 40.74 25.72
CA ASP A 399 -9.25 40.83 26.32
C ASP A 399 -8.22 39.89 25.69
N LEU A 400 -8.60 39.18 24.63
CA LEU A 400 -7.69 38.32 23.90
C LEU A 400 -7.13 38.98 22.65
N ASP A 401 -7.57 40.19 22.32
CA ASP A 401 -7.14 40.85 21.09
C ASP A 401 -5.62 40.98 21.04
N GLY A 402 -5.08 40.86 19.83
CA GLY A 402 -3.65 41.04 19.59
C GLY A 402 -2.81 39.80 19.81
N LEU A 403 -3.36 38.75 20.42
CA LEU A 403 -2.60 37.54 20.68
C LEU A 403 -2.49 36.70 19.41
N ASP A 404 -1.38 35.95 19.30
CA ASP A 404 -1.23 34.98 18.24
C ASP A 404 -1.85 33.65 18.68
N PHE A 405 -1.71 32.63 17.81
CA PHE A 405 -2.41 31.37 18.04
C PHE A 405 -1.99 30.73 19.37
N GLN A 406 -0.70 30.48 19.56
CA GLN A 406 -0.28 29.73 20.74
C GLN A 406 -0.56 30.50 22.02
N THR A 407 -0.30 31.80 22.03
CA THR A 407 -0.56 32.59 23.23
C THR A 407 -2.06 32.61 23.57
N ALA A 408 -2.90 32.77 22.55
CA ALA A 408 -4.34 32.78 22.79
C ALA A 408 -4.84 31.39 23.18
N PHE A 409 -4.25 30.33 22.61
CA PHE A 409 -4.57 28.97 23.04
C PHE A 409 -4.40 28.82 24.55
N ASP A 410 -3.25 29.26 25.06
CA ASP A 410 -2.94 29.09 26.47
C ASP A 410 -3.83 29.97 27.34
N ALA A 411 -4.10 31.20 26.90
CA ALA A 411 -4.97 32.08 27.68
C ALA A 411 -6.39 31.52 27.76
N VAL A 412 -6.87 30.92 26.67
CA VAL A 412 -8.20 30.30 26.69
C VAL A 412 -8.19 29.07 27.59
N ALA A 413 -7.13 28.25 27.50
CA ALA A 413 -6.99 27.12 28.40
C ALA A 413 -7.03 27.56 29.85
N ALA A 414 -6.31 28.65 30.17
CA ALA A 414 -6.29 29.14 31.54
C ALA A 414 -7.67 29.65 31.96
N LYS A 415 -8.34 30.40 31.08
CA LYS A 415 -9.65 30.94 31.42
C LYS A 415 -10.66 29.81 31.64
N LEU A 416 -10.67 28.83 30.74
CA LEU A 416 -11.64 27.73 30.86
C LEU A 416 -11.33 26.85 32.06
N GLN A 417 -10.06 26.54 32.29
CA GLN A 417 -9.71 25.70 33.43
C GLN A 417 -10.07 26.38 34.75
N SER A 418 -9.81 27.68 34.86
CA SER A 418 -10.15 28.39 36.09
C SER A 418 -11.64 28.31 36.36
N GLN A 419 -12.46 28.39 35.30
CA GLN A 419 -13.91 28.25 35.45
C GLN A 419 -14.37 26.81 35.58
N GLY A 420 -13.50 25.84 35.31
CA GLY A 420 -13.97 24.47 35.22
C GLY A 420 -14.71 24.14 33.94
N ALA A 421 -14.59 24.96 32.90
CA ALA A 421 -15.37 24.80 31.67
C ALA A 421 -14.57 24.16 30.55
N GLY A 422 -13.34 23.73 30.79
CA GLY A 422 -12.59 23.07 29.74
C GLY A 422 -11.15 22.88 30.13
N GLU A 423 -10.43 22.16 29.27
CA GLU A 423 -9.03 21.84 29.51
C GLU A 423 -8.41 21.33 28.21
N PRO A 424 -7.08 21.45 28.08
CA PRO A 424 -6.41 20.90 26.89
C PRO A 424 -6.60 19.40 26.77
N LYS A 425 -6.61 18.93 25.53
CA LYS A 425 -6.81 17.51 25.30
C LYS A 425 -6.21 17.13 23.95
N THR A 426 -5.57 15.97 23.91
CA THR A 426 -5.03 15.38 22.69
C THR A 426 -6.01 14.34 22.15
N GLN A 427 -6.27 14.39 20.84
CA GLN A 427 -7.14 13.41 20.20
C GLN A 427 -6.45 12.82 18.98
N TYR A 428 -6.94 11.66 18.54
CA TYR A 428 -6.46 10.99 17.35
C TYR A 428 -7.65 10.58 16.49
N ARG A 429 -7.55 10.82 15.18
CA ARG A 429 -8.55 10.28 14.26
C ARG A 429 -8.50 8.75 14.22
N LEU A 430 -7.31 8.17 14.45
CA LEU A 430 -7.10 6.73 14.36
C LEU A 430 -8.15 5.95 15.16
N ARG A 431 -8.79 4.99 14.49
CA ARG A 431 -9.70 4.05 15.14
C ARG A 431 -8.98 2.75 15.47
N ASP A 432 -9.54 2.00 16.41
CA ASP A 432 -9.01 0.66 16.64
C ASP A 432 -9.30 -0.23 15.43
N TRP A 433 -8.47 -1.25 15.26
CA TRP A 433 -8.47 -2.07 14.04
C TRP A 433 -9.41 -3.26 14.22
N GLY A 434 -10.53 -3.26 13.50
CA GLY A 434 -11.49 -4.35 13.59
C GLY A 434 -11.08 -5.51 12.70
N ILE A 435 -10.86 -6.70 13.25
CA ILE A 435 -10.28 -7.78 12.48
C ILE A 435 -11.23 -8.95 12.24
N SER A 436 -12.42 -8.94 12.82
CA SER A 436 -13.38 -10.01 12.59
C SER A 436 -13.92 -9.93 11.17
N ARG A 437 -13.93 -11.07 10.48
CA ARG A 437 -14.51 -11.18 9.14
C ARG A 437 -15.49 -12.32 9.14
N GLN A 438 -16.67 -12.10 8.61
CA GLN A 438 -17.68 -13.14 8.49
C GLN A 438 -17.52 -13.86 7.14
N ARG A 439 -16.35 -14.47 6.98
CA ARG A 439 -15.93 -15.15 5.76
C ARG A 439 -15.28 -16.48 6.11
N TYR A 440 -15.31 -17.43 5.16
CA TYR A 440 -14.73 -18.74 5.40
C TYR A 440 -13.22 -18.80 5.11
N TRP A 441 -12.78 -18.25 3.97
CA TRP A 441 -11.41 -18.48 3.51
C TRP A 441 -10.48 -17.45 4.15
N GLY A 442 -10.08 -17.76 5.38
CA GLY A 442 -9.27 -16.86 6.20
C GLY A 442 -8.84 -17.59 7.46
N CYS A 443 -7.95 -16.95 8.21
CA CYS A 443 -7.37 -17.58 9.40
C CYS A 443 -8.40 -17.67 10.51
N PRO A 444 -8.67 -18.86 11.07
CA PRO A 444 -9.63 -18.94 12.18
C PRO A 444 -9.17 -18.15 13.40
N ILE A 445 -10.13 -17.52 14.07
CA ILE A 445 -9.83 -16.76 15.28
C ILE A 445 -9.73 -17.76 16.43
N PRO A 446 -8.62 -17.78 17.17
CA PRO A 446 -8.37 -18.85 18.15
C PRO A 446 -9.02 -18.57 19.50
N ILE A 447 -10.35 -18.53 19.50
CA ILE A 447 -11.17 -18.27 20.67
C ILE A 447 -12.21 -19.37 20.77
N VAL A 448 -12.48 -19.84 21.99
CA VAL A 448 -13.58 -20.77 22.25
C VAL A 448 -14.55 -20.10 23.22
N HIS A 449 -15.83 -20.14 22.90
CA HIS A 449 -16.87 -19.53 23.72
C HIS A 449 -17.45 -20.57 24.66
N CYS A 450 -17.30 -20.33 25.96
CA CYS A 450 -17.81 -21.22 27.00
C CYS A 450 -18.76 -20.44 27.89
N GLU A 451 -19.95 -21.01 28.14
CA GLU A 451 -20.91 -20.30 28.98
C GLU A 451 -20.45 -20.17 30.42
N LYS A 452 -19.46 -20.97 30.84
CA LYS A 452 -18.90 -20.86 32.17
C LYS A 452 -17.66 -19.97 32.19
N CYS A 453 -16.75 -20.16 31.23
CA CYS A 453 -15.45 -19.52 31.29
C CYS A 453 -15.37 -18.23 30.49
N GLY A 454 -16.30 -17.99 29.57
CA GLY A 454 -16.27 -16.81 28.73
C GLY A 454 -15.66 -17.03 27.37
N ASN A 455 -15.07 -15.99 26.78
CA ASN A 455 -14.33 -16.11 25.53
C ASN A 455 -12.89 -16.48 25.88
N VAL A 456 -12.50 -17.71 25.55
CA VAL A 456 -11.26 -18.29 26.05
C VAL A 456 -10.29 -18.44 24.89
N PRO A 457 -9.04 -17.98 25.02
CA PRO A 457 -8.06 -18.23 23.96
C PRO A 457 -7.65 -19.69 23.93
N VAL A 458 -7.44 -20.19 22.72
CA VAL A 458 -6.97 -21.58 22.56
C VAL A 458 -5.54 -21.67 23.07
N PRO A 459 -5.20 -22.69 23.89
CA PRO A 459 -3.83 -22.78 24.41
C PRO A 459 -2.81 -22.97 23.30
N ALA A 460 -1.58 -22.54 23.57
CA ALA A 460 -0.55 -22.58 22.54
C ALA A 460 -0.26 -24.00 22.08
N ASP A 461 -0.32 -24.98 22.99
CA ASP A 461 -0.14 -26.38 22.63
C ASP A 461 -1.18 -26.87 21.62
N GLN A 462 -2.34 -26.23 21.57
CA GLN A 462 -3.41 -26.68 20.70
C GLN A 462 -3.41 -25.97 19.36
N LEU A 463 -2.61 -24.92 19.22
CA LEU A 463 -2.58 -24.21 17.95
C LEU A 463 -1.82 -25.03 16.90
N PRO A 464 -2.18 -24.89 15.61
CA PRO A 464 -3.25 -24.03 15.12
C PRO A 464 -4.66 -24.57 15.32
N VAL A 465 -5.63 -23.66 15.31
CA VAL A 465 -7.01 -24.01 15.00
C VAL A 465 -7.08 -24.13 13.47
N VAL A 466 -7.20 -25.36 12.98
CA VAL A 466 -7.06 -25.62 11.56
C VAL A 466 -8.36 -25.28 10.83
N LEU A 467 -8.26 -24.45 9.82
CA LEU A 467 -9.38 -24.21 8.94
C LEU A 467 -9.60 -25.43 8.07
N PRO A 468 -10.77 -26.05 8.09
CA PRO A 468 -10.99 -27.21 7.21
C PRO A 468 -11.00 -26.77 5.76
N GLU A 469 -10.24 -27.48 4.92
CA GLU A 469 -10.09 -27.13 3.51
C GLU A 469 -11.12 -27.82 2.62
N ASN A 470 -11.77 -28.87 3.10
CA ASN A 470 -12.78 -29.58 2.32
C ASN A 470 -14.13 -28.87 2.47
N VAL A 471 -14.20 -27.69 1.87
CA VAL A 471 -15.38 -26.82 1.96
C VAL A 471 -15.57 -26.15 0.60
N VAL A 472 -16.81 -26.11 0.12
CA VAL A 472 -17.17 -25.36 -1.07
C VAL A 472 -18.24 -24.34 -0.68
N PRO A 473 -17.89 -23.07 -0.52
CA PRO A 473 -18.87 -22.05 -0.15
C PRO A 473 -20.04 -22.02 -1.13
N ASP A 474 -21.25 -21.87 -0.56
CA ASP A 474 -22.48 -21.94 -1.33
C ASP A 474 -23.18 -20.61 -1.53
N GLY A 475 -22.82 -19.58 -0.77
CA GLY A 475 -23.44 -18.27 -0.89
C GLY A 475 -24.64 -18.04 -0.02
N MET A 476 -25.01 -19.00 0.83
CA MET A 476 -26.13 -18.82 1.75
C MET A 476 -25.62 -18.74 3.18
N GLY A 477 -24.74 -17.79 3.46
CA GLY A 477 -24.16 -17.62 4.77
C GLY A 477 -22.74 -18.15 4.85
N SER A 478 -22.00 -17.62 5.82
CA SER A 478 -20.61 -18.03 6.01
C SER A 478 -20.56 -19.51 6.39
N PRO A 479 -19.77 -20.32 5.68
CA PRO A 479 -19.83 -21.78 5.89
C PRO A 479 -19.46 -22.24 7.30
N LEU A 480 -18.52 -21.57 7.97
CA LEU A 480 -18.06 -22.07 9.26
C LEU A 480 -19.18 -22.09 10.29
N ALA A 481 -20.05 -21.07 10.27
CA ALA A 481 -21.18 -21.02 11.20
C ALA A 481 -22.21 -22.11 10.93
N LYS A 482 -22.11 -22.80 9.79
CA LYS A 482 -23.03 -23.87 9.45
C LYS A 482 -22.41 -25.24 9.57
N MET A 483 -21.22 -25.35 10.18
CA MET A 483 -20.47 -26.60 10.27
C MET A 483 -20.24 -26.95 11.74
N PRO A 484 -21.19 -27.65 12.38
CA PRO A 484 -20.98 -28.07 13.77
C PRO A 484 -19.76 -28.95 13.96
N GLU A 485 -19.38 -29.73 12.94
CA GLU A 485 -18.15 -30.51 13.04
C GLU A 485 -16.94 -29.63 13.26
N PHE A 486 -17.01 -28.36 12.87
CA PHE A 486 -15.93 -27.43 13.18
C PHE A 486 -16.16 -26.74 14.52
N TYR A 487 -17.33 -26.14 14.75
CA TYR A 487 -17.43 -25.23 15.87
C TYR A 487 -17.77 -25.90 17.19
N GLU A 488 -18.35 -27.11 17.17
CA GLU A 488 -18.64 -27.81 18.41
C GLU A 488 -17.35 -28.38 19.01
N THR A 489 -17.02 -27.96 20.23
CA THR A 489 -15.76 -28.38 20.84
C THR A 489 -15.95 -28.44 22.36
N SER A 490 -14.86 -28.73 23.05
CA SER A 490 -14.82 -28.71 24.51
C SER A 490 -14.06 -27.46 24.96
N CYS A 491 -14.48 -26.89 26.08
CA CYS A 491 -13.78 -25.72 26.60
C CYS A 491 -12.37 -26.11 27.04
N PRO A 492 -11.33 -25.40 26.58
CA PRO A 492 -9.98 -25.73 27.03
C PRO A 492 -9.70 -25.41 28.48
N CYS A 493 -10.56 -24.65 29.16
CA CYS A 493 -10.38 -24.33 30.58
C CYS A 493 -11.12 -25.29 31.50
N CYS A 494 -12.32 -25.73 31.11
CA CYS A 494 -13.12 -26.57 31.97
C CYS A 494 -13.55 -27.88 31.32
N GLY A 495 -13.28 -28.09 30.03
CA GLY A 495 -13.74 -29.28 29.36
C GLY A 495 -15.22 -29.37 29.10
N GLY A 496 -15.99 -28.31 29.37
CA GLY A 496 -17.41 -28.34 29.11
C GLY A 496 -17.74 -28.10 27.65
N ALA A 497 -19.02 -28.33 27.30
CA ALA A 497 -19.48 -28.06 25.95
C ALA A 497 -19.23 -26.59 25.61
N ALA A 498 -18.69 -26.35 24.43
CA ALA A 498 -18.32 -25.00 24.04
C ALA A 498 -18.32 -24.91 22.52
N LYS A 499 -18.19 -23.68 22.02
CA LYS A 499 -18.25 -23.42 20.57
C LYS A 499 -17.07 -22.58 20.15
N ARG A 500 -16.38 -23.02 19.11
CA ARG A 500 -15.32 -22.22 18.51
C ARG A 500 -15.90 -20.94 17.91
N GLU A 501 -15.10 -19.88 17.97
CA GLU A 501 -15.39 -18.68 17.18
C GLU A 501 -15.39 -19.05 15.70
N THR A 502 -16.38 -18.56 14.96
CA THR A 502 -16.50 -18.91 13.55
C THR A 502 -16.10 -17.80 12.60
N ASP A 503 -15.98 -16.55 13.07
CA ASP A 503 -15.41 -15.51 12.24
C ASP A 503 -13.92 -15.78 12.02
N THR A 504 -13.40 -15.31 10.90
CA THR A 504 -11.98 -15.43 10.58
C THR A 504 -11.34 -14.06 10.64
N MET A 505 -10.01 -14.03 10.47
CA MET A 505 -9.25 -12.80 10.61
C MET A 505 -9.19 -12.00 9.30
N ASP A 506 -9.26 -10.69 9.44
CA ASP A 506 -8.87 -9.75 8.38
C ASP A 506 -7.56 -10.22 7.74
N THR A 507 -7.56 -10.35 6.41
CA THR A 507 -6.38 -10.91 5.76
C THR A 507 -5.21 -9.94 5.73
N PHE A 508 -5.42 -8.67 6.08
CA PHE A 508 -4.28 -7.80 6.35
C PHE A 508 -3.38 -8.36 7.44
N ILE A 509 -3.89 -9.25 8.30
CA ILE A 509 -3.05 -9.75 9.38
C ILE A 509 -1.90 -10.58 8.83
N GLU A 510 -2.15 -11.39 7.78
CA GLU A 510 -1.08 -12.21 7.24
C GLU A 510 0.03 -11.35 6.64
N SER A 511 -0.34 -10.26 5.97
CA SER A 511 0.66 -9.40 5.35
C SER A 511 1.30 -8.43 6.33
N SER A 512 0.89 -8.44 7.59
CA SER A 512 1.49 -7.53 8.57
C SER A 512 2.76 -8.09 9.20
N TRP A 513 3.12 -9.34 8.91
CA TRP A 513 4.32 -9.91 9.51
C TRP A 513 5.04 -10.90 8.61
N TYR A 514 4.59 -11.11 7.37
CA TYR A 514 5.21 -12.13 6.54
C TYR A 514 6.69 -11.86 6.28
N PHE A 515 7.11 -10.60 6.28
CA PHE A 515 8.52 -10.27 6.04
C PHE A 515 9.42 -10.80 7.16
N PHE A 516 8.89 -10.96 8.37
CA PHE A 516 9.69 -11.62 9.40
C PHE A 516 9.71 -13.13 9.20
N ARG A 517 8.59 -13.72 8.77
CA ARG A 517 8.53 -15.18 8.61
C ARG A 517 9.53 -15.67 7.55
N TYR A 518 9.75 -14.88 6.50
CA TYR A 518 10.75 -15.25 5.48
C TYR A 518 12.12 -15.49 6.08
N MET A 519 12.42 -14.85 7.22
CA MET A 519 13.73 -15.02 7.85
C MET A 519 13.93 -16.45 8.36
N SER A 520 12.86 -17.14 8.77
CA SER A 520 12.95 -18.53 9.21
C SER A 520 11.62 -19.22 8.94
N PRO A 521 11.33 -19.52 7.68
CA PRO A 521 9.98 -19.95 7.32
C PRO A 521 9.65 -21.37 7.76
N LYS A 522 10.63 -22.16 8.18
CA LYS A 522 10.39 -23.50 8.68
C LYS A 522 10.55 -23.58 10.20
N PHE A 523 10.61 -22.46 10.89
CA PHE A 523 10.80 -22.45 12.34
C PHE A 523 9.48 -22.82 13.01
N SER A 524 9.49 -23.90 13.78
CA SER A 524 8.25 -24.42 14.38
C SER A 524 8.12 -24.10 15.86
N ASP A 525 9.04 -23.29 16.42
CA ASP A 525 8.97 -22.92 17.82
C ASP A 525 8.62 -21.45 18.05
N GLY A 526 8.30 -20.70 17.00
CA GLY A 526 7.95 -19.30 17.18
C GLY A 526 7.68 -18.65 15.83
N MET A 527 7.19 -17.40 15.90
CA MET A 527 6.92 -16.65 14.68
C MET A 527 8.14 -16.54 13.81
N VAL A 528 9.30 -16.26 14.41
CA VAL A 528 10.57 -16.15 13.71
C VAL A 528 11.67 -16.47 14.73
N SER A 529 12.69 -17.19 14.29
CA SER A 529 13.75 -17.57 15.20
C SER A 529 14.61 -16.37 15.56
N ALA A 530 15.12 -16.38 16.80
CA ALA A 530 15.93 -15.26 17.28
C ALA A 530 17.19 -15.07 16.45
N GLU A 531 17.86 -16.18 16.09
CA GLU A 531 19.09 -16.08 15.30
C GLU A 531 18.82 -15.41 13.96
N SER A 532 17.74 -15.81 13.28
CA SER A 532 17.42 -15.24 11.97
C SER A 532 17.03 -13.77 12.10
N ALA A 533 16.18 -13.44 13.07
CA ALA A 533 15.76 -12.06 13.25
C ALA A 533 16.97 -11.17 13.51
N LYS A 534 17.91 -11.67 14.31
CA LYS A 534 19.11 -10.91 14.64
C LYS A 534 19.98 -10.68 13.41
N TYR A 535 20.07 -11.67 12.53
CA TYR A 535 20.93 -11.54 11.36
C TYR A 535 20.30 -10.63 10.31
N TRP A 536 19.05 -10.89 9.93
CA TRP A 536 18.44 -10.15 8.84
C TRP A 536 17.95 -8.77 9.27
N GLY A 537 17.64 -8.58 10.54
CA GLY A 537 17.25 -7.26 11.03
C GLY A 537 15.94 -6.74 10.48
N ALA A 538 15.99 -5.74 9.62
CA ALA A 538 14.80 -5.21 8.97
C ALA A 538 14.94 -5.35 7.46
N VAL A 539 13.84 -5.10 6.76
CA VAL A 539 13.88 -5.08 5.30
C VAL A 539 14.66 -3.84 4.86
N ASP A 540 15.71 -4.04 4.06
CA ASP A 540 16.48 -2.89 3.60
C ASP A 540 15.74 -2.14 2.51
N GLN A 541 15.03 -2.86 1.65
CA GLN A 541 14.33 -2.26 0.51
C GLN A 541 12.99 -2.97 0.31
N TYR A 542 11.91 -2.19 0.34
CA TYR A 542 10.56 -2.69 0.12
C TYR A 542 10.02 -2.06 -1.14
N ILE A 543 9.34 -2.85 -1.98
CA ILE A 543 8.84 -2.37 -3.27
C ILE A 543 7.40 -2.80 -3.40
N GLY A 544 6.50 -1.86 -3.65
CA GLY A 544 5.11 -2.26 -3.86
C GLY A 544 4.28 -1.08 -4.31
N GLY A 545 3.02 -1.38 -4.60
CA GLY A 545 2.13 -0.35 -5.14
C GLY A 545 1.73 0.68 -4.11
N ILE A 546 1.48 1.90 -4.61
CA ILE A 546 1.09 3.02 -3.77
C ILE A 546 -0.26 2.79 -3.10
N GLU A 547 -1.09 1.91 -3.66
CA GLU A 547 -2.39 1.65 -3.03
C GLU A 547 -2.25 1.06 -1.64
N HIS A 548 -1.07 0.58 -1.26
CA HIS A 548 -0.87 0.01 0.07
C HIS A 548 -0.21 0.99 1.03
N ALA A 549 -0.15 2.27 0.67
CA ALA A 549 0.64 3.24 1.43
C ALA A 549 0.07 3.53 2.82
N ILE A 550 -1.23 3.32 3.03
CA ILE A 550 -1.80 3.64 4.33
C ILE A 550 -1.99 2.38 5.16
N LEU A 551 -2.95 1.54 4.77
CA LEU A 551 -3.36 0.46 5.69
C LEU A 551 -2.29 -0.60 5.84
N HIS A 552 -1.86 -1.22 4.75
CA HIS A 552 -0.88 -2.31 4.87
C HIS A 552 0.38 -1.83 5.59
N LEU A 553 0.89 -0.66 5.22
CA LEU A 553 2.13 -0.20 5.84
C LEU A 553 1.92 0.15 7.31
N LEU A 554 0.81 0.81 7.65
CA LEU A 554 0.54 1.07 9.06
C LEU A 554 0.44 -0.23 9.86
N TYR A 555 -0.33 -1.19 9.33
CA TYR A 555 -0.49 -2.48 10.01
C TYR A 555 0.84 -3.19 10.20
N ALA A 556 1.69 -3.21 9.17
CA ALA A 556 3.00 -3.84 9.28
C ALA A 556 3.86 -3.16 10.32
N ARG A 557 3.84 -1.82 10.36
CA ARG A 557 4.65 -1.12 11.36
C ARG A 557 4.13 -1.41 12.76
N PHE A 558 2.82 -1.52 12.89
CA PHE A 558 2.19 -1.86 14.15
C PHE A 558 2.58 -3.26 14.61
N PHE A 559 2.45 -4.25 13.72
CA PHE A 559 2.85 -5.61 14.08
C PHE A 559 4.32 -5.68 14.46
N THR A 560 5.16 -4.88 13.80
CA THR A 560 6.58 -4.92 14.11
C THR A 560 6.82 -4.48 15.56
N LYS A 561 6.12 -3.43 15.99
CA LYS A 561 6.28 -2.96 17.36
C LYS A 561 5.65 -3.93 18.37
N LEU A 562 4.54 -4.58 18.01
CA LEU A 562 3.99 -5.62 18.87
C LEU A 562 4.97 -6.77 19.03
N MET A 563 5.56 -7.23 17.93
CA MET A 563 6.48 -8.36 17.99
C MET A 563 7.77 -7.99 18.70
N ARG A 564 8.23 -6.75 18.52
CA ARG A 564 9.35 -6.24 19.31
C ARG A 564 9.01 -6.27 20.79
N ASP A 565 7.83 -5.80 21.16
CA ASP A 565 7.44 -5.78 22.56
C ASP A 565 7.22 -7.18 23.12
N GLU A 566 7.06 -8.18 22.27
CA GLU A 566 7.00 -9.56 22.72
C GLU A 566 8.38 -10.22 22.81
N GLY A 567 9.43 -9.55 22.37
CA GLY A 567 10.76 -10.10 22.40
C GLY A 567 11.17 -10.90 21.18
N LEU A 568 10.36 -10.86 20.12
CA LEU A 568 10.64 -11.68 18.94
C LEU A 568 11.62 -11.02 17.98
N VAL A 569 11.64 -9.69 17.93
CA VAL A 569 12.52 -8.92 17.07
C VAL A 569 13.00 -7.72 17.87
N ASN A 570 14.00 -7.03 17.34
CA ASN A 570 14.51 -5.85 18.03
C ASN A 570 14.76 -4.71 17.04
N VAL A 571 13.91 -4.60 16.03
CA VAL A 571 13.84 -3.39 15.23
C VAL A 571 12.56 -2.66 15.59
N ASP A 572 12.56 -1.34 15.42
CA ASP A 572 11.36 -0.54 15.64
C ASP A 572 10.51 -0.40 14.38
N GLU A 573 11.14 -0.53 13.21
CA GLU A 573 10.49 -0.30 11.93
C GLU A 573 10.82 -1.43 10.97
N PRO A 574 9.84 -1.92 10.22
CA PRO A 574 10.07 -3.08 9.36
C PRO A 574 10.80 -2.77 8.05
N PHE A 575 10.63 -1.57 7.49
CA PHE A 575 11.11 -1.27 6.13
C PHE A 575 11.94 0.00 6.14
N GLU A 576 13.22 -0.13 5.77
CA GLU A 576 14.14 1.01 5.71
C GLU A 576 13.86 1.89 4.49
N ARG A 577 14.05 1.35 3.30
CA ARG A 577 13.77 2.09 2.06
CA ARG A 577 13.77 2.09 2.07
C ARG A 577 12.45 1.59 1.46
N LEU A 578 11.65 2.53 0.95
CA LEU A 578 10.36 2.23 0.35
C LEU A 578 10.30 2.84 -1.06
N LEU A 579 10.04 1.99 -2.05
CA LEU A 579 9.85 2.40 -3.44
C LEU A 579 8.42 2.02 -3.81
N THR A 580 7.62 3.00 -4.20
CA THR A 580 6.24 2.74 -4.58
C THR A 580 6.09 2.86 -6.09
N GLN A 581 5.58 1.81 -6.72
CA GLN A 581 5.48 1.78 -8.18
C GLN A 581 4.10 2.27 -8.64
N GLY A 582 4.07 2.80 -9.86
CA GLY A 582 2.85 3.25 -10.47
C GLY A 582 2.07 2.10 -11.10
N MET A 583 0.90 2.43 -11.60
CA MET A 583 0.03 1.43 -12.18
C MET A 583 0.41 1.16 -13.63
N VAL A 584 -0.18 0.12 -14.20
CA VAL A 584 -0.02 -0.22 -15.61
C VAL A 584 -1.34 0.05 -16.32
N VAL A 585 -1.28 0.76 -17.45
CA VAL A 585 -2.46 1.21 -18.16
C VAL A 585 -2.39 0.74 -19.60
N CYS A 586 -3.57 0.60 -20.21
CA CYS A 586 -3.64 0.18 -21.60
C CYS A 586 -4.86 0.82 -22.26
N GLU A 587 -4.74 1.01 -23.57
CA GLU A 587 -5.87 1.44 -24.39
C GLU A 587 -7.00 0.42 -24.30
N THR A 588 -8.22 0.91 -24.41
CA THR A 588 -9.40 0.07 -24.39
C THR A 588 -10.07 0.10 -25.76
N TYR A 589 -10.85 -0.94 -26.02
CA TYR A 589 -11.49 -1.15 -27.32
C TYR A 589 -12.93 -1.62 -27.08
N TYR A 590 -13.86 -1.10 -27.87
CA TYR A 590 -15.26 -1.49 -27.68
C TYR A 590 -16.03 -1.36 -28.98
N ARG A 591 -17.15 -2.08 -29.02
CA ARG A 591 -18.17 -1.91 -30.04
C ARG A 591 -19.48 -1.61 -29.32
N GLU A 592 -20.38 -0.89 -29.99
CA GLU A 592 -21.62 -0.47 -29.36
C GLU A 592 -22.63 -1.62 -29.35
N ASN A 593 -23.53 -1.57 -28.36
CA ASN A 593 -24.52 -2.60 -28.12
C ASN A 593 -25.79 -2.36 -28.92
N ASP A 594 -26.56 -3.44 -29.12
CA ASP A 594 -27.94 -3.30 -29.54
C ASP A 594 -28.82 -2.77 -28.43
N LYS A 595 -28.27 -2.60 -27.23
CA LYS A 595 -28.97 -2.03 -26.09
C LYS A 595 -28.47 -0.62 -25.75
N GLY A 596 -27.78 0.03 -26.69
CA GLY A 596 -27.30 1.37 -26.44
C GLY A 596 -26.17 1.47 -25.44
N GLY A 597 -25.33 0.44 -25.35
CA GLY A 597 -24.18 0.41 -24.47
C GLY A 597 -22.91 0.07 -25.24
N LYS A 598 -21.94 -0.46 -24.51
CA LYS A 598 -20.62 -0.79 -25.05
C LYS A 598 -20.18 -2.17 -24.56
N ASP A 599 -19.58 -2.95 -25.47
CA ASP A 599 -18.92 -4.20 -25.11
C ASP A 599 -17.42 -4.04 -25.28
N TRP A 600 -16.66 -4.36 -24.24
CA TRP A 600 -15.23 -4.08 -24.23
C TRP A 600 -14.43 -5.30 -24.68
N ILE A 601 -13.51 -5.08 -25.63
CA ILE A 601 -12.73 -6.13 -26.28
C ILE A 601 -11.30 -6.11 -25.73
N ASN A 602 -10.71 -7.31 -25.57
CA ASN A 602 -9.33 -7.37 -25.10
C ASN A 602 -8.36 -6.95 -26.21
N PRO A 603 -7.29 -6.23 -25.86
CA PRO A 603 -6.36 -5.75 -26.89
C PRO A 603 -5.66 -6.87 -27.67
N ALA A 604 -5.43 -8.02 -27.04
CA ALA A 604 -4.76 -9.12 -27.75
C ALA A 604 -5.61 -9.65 -28.91
N ASP A 605 -6.93 -9.50 -28.82
CA ASP A 605 -7.83 -9.90 -29.90
C ASP A 605 -8.07 -8.79 -30.91
N VAL A 606 -7.29 -7.72 -30.87
CA VAL A 606 -7.43 -6.60 -31.79
C VAL A 606 -6.14 -6.46 -32.59
N GLU A 607 -6.27 -5.97 -33.81
CA GLU A 607 -5.13 -5.66 -34.68
C GLU A 607 -5.37 -4.29 -35.30
N LEU A 608 -4.39 -3.41 -35.16
CA LEU A 608 -4.48 -2.07 -35.74
C LEU A 608 -4.03 -2.09 -37.20
N THR A 609 -4.51 -1.11 -37.96
CA THR A 609 -4.15 -0.99 -39.37
C THR A 609 -3.86 0.45 -39.74
N GLY A 614 4.13 4.64 -38.83
CA GLY A 614 3.12 4.94 -39.84
C GLY A 614 1.86 5.51 -39.23
N ARG A 615 1.03 6.14 -40.07
CA ARG A 615 -0.23 6.73 -39.62
C ARG A 615 -1.29 5.65 -39.44
N PRO A 616 -1.65 5.32 -38.20
CA PRO A 616 -2.63 4.26 -37.98
C PRO A 616 -4.06 4.79 -38.09
N VAL A 617 -4.93 3.95 -38.64
CA VAL A 617 -6.30 4.30 -38.93
C VAL A 617 -7.18 3.12 -38.48
N SER A 618 -7.78 3.24 -37.31
CA SER A 618 -8.77 2.29 -36.79
C SER A 618 -8.16 0.91 -36.52
N ALA A 619 -8.98 0.01 -35.95
CA ALA A 619 -8.57 -1.36 -35.69
C ALA A 619 -9.78 -2.25 -35.83
N VAL A 620 -9.54 -3.56 -35.91
CA VAL A 620 -10.60 -4.54 -36.12
C VAL A 620 -10.35 -5.76 -35.24
N LEU A 621 -11.41 -6.54 -35.04
CA LEU A 621 -11.30 -7.82 -34.36
C LEU A 621 -10.45 -8.77 -35.20
N LYS A 622 -9.50 -9.45 -34.54
CA LYS A 622 -8.50 -10.22 -35.27
C LYS A 622 -9.07 -11.55 -35.79
N ALA A 623 -9.96 -12.18 -35.02
CA ALA A 623 -10.57 -13.43 -35.48
C ALA A 623 -11.51 -13.17 -36.66
N ASP A 624 -12.40 -12.19 -36.52
CA ASP A 624 -13.37 -11.85 -37.56
C ASP A 624 -13.35 -10.34 -37.77
N GLY A 625 -12.81 -9.91 -38.91
CA GLY A 625 -12.72 -8.50 -39.24
C GLY A 625 -14.04 -7.77 -39.13
N LEU A 626 -14.10 -6.85 -38.18
CA LEU A 626 -15.28 -6.04 -37.89
C LEU A 626 -14.85 -4.89 -37.00
N PRO A 627 -14.72 -3.68 -37.55
CA PRO A 627 -14.01 -2.60 -36.85
C PRO A 627 -14.55 -2.32 -35.46
N VAL A 628 -13.63 -2.07 -34.53
CA VAL A 628 -13.98 -1.73 -33.15
C VAL A 628 -13.61 -0.27 -32.92
N VAL A 629 -14.12 0.28 -31.83
CA VAL A 629 -13.87 1.67 -31.46
C VAL A 629 -12.67 1.71 -30.52
N ILE A 630 -11.62 2.40 -30.93
CA ILE A 630 -10.52 2.68 -30.01
C ILE A 630 -11.00 3.69 -28.97
N SER A 631 -10.75 3.40 -27.71
CA SER A 631 -11.28 4.19 -26.60
C SER A 631 -10.13 4.65 -25.72
N GLY A 632 -10.47 5.11 -24.51
CA GLY A 632 -9.48 5.76 -23.67
C GLY A 632 -8.55 4.77 -22.97
N THR A 633 -7.41 5.31 -22.54
CA THR A 633 -6.39 4.54 -21.85
C THR A 633 -6.64 4.63 -20.35
N GLU A 634 -6.55 3.49 -19.67
CA GLU A 634 -6.73 3.48 -18.22
C GLU A 634 -6.10 2.21 -17.66
N LYS A 635 -6.10 2.13 -16.33
CA LYS A 635 -5.54 0.98 -15.62
C LYS A 635 -6.09 -0.33 -16.17
N MET A 636 -5.20 -1.30 -16.37
CA MET A 636 -5.62 -2.62 -16.80
C MET A 636 -6.55 -3.22 -15.75
N SER A 637 -7.67 -3.77 -16.21
CA SER A 637 -8.65 -4.34 -15.29
C SER A 637 -9.57 -5.28 -16.05
N LYS A 638 -10.23 -6.16 -15.29
CA LYS A 638 -11.29 -6.98 -15.85
C LYS A 638 -12.51 -6.14 -16.23
N SER A 639 -12.59 -4.91 -15.73
CA SER A 639 -13.76 -4.06 -15.98
C SER A 639 -13.90 -3.72 -17.45
N LYS A 640 -12.88 -3.07 -18.03
CA LYS A 640 -12.87 -2.68 -19.43
C LYS A 640 -12.15 -3.68 -20.31
N ASN A 641 -11.80 -4.86 -19.77
CA ASN A 641 -11.19 -5.95 -20.54
C ASN A 641 -9.96 -5.48 -21.31
N ASN A 642 -9.10 -4.73 -20.63
CA ASN A 642 -7.93 -4.16 -21.29
C ASN A 642 -6.64 -4.70 -20.68
N GLY A 643 -6.68 -5.91 -20.12
CA GLY A 643 -5.49 -6.50 -19.54
C GLY A 643 -4.67 -7.21 -20.59
N VAL A 644 -3.37 -6.94 -20.60
CA VAL A 644 -2.45 -7.64 -21.49
C VAL A 644 -1.78 -8.75 -20.69
N ASP A 645 -1.94 -9.98 -21.13
CA ASP A 645 -1.43 -11.14 -20.43
C ASP A 645 0.08 -11.17 -20.56
N PRO A 646 0.83 -11.01 -19.46
CA PRO A 646 2.30 -11.09 -19.59
C PRO A 646 2.78 -12.42 -20.13
N GLN A 647 2.01 -13.50 -19.95
CA GLN A 647 2.44 -14.79 -20.50
C GLN A 647 2.54 -14.74 -22.02
N GLU A 648 1.61 -14.02 -22.67
CA GLU A 648 1.71 -13.87 -24.12
C GLU A 648 2.92 -13.04 -24.50
N LEU A 649 3.25 -12.01 -23.70
CA LEU A 649 4.46 -11.24 -23.93
C LEU A 649 5.71 -12.10 -23.80
N ILE A 650 5.74 -12.97 -22.78
CA ILE A 650 6.87 -13.87 -22.62
C ILE A 650 6.93 -14.87 -23.77
N ASN A 651 5.78 -15.42 -24.16
CA ASN A 651 5.77 -16.41 -25.23
C ASN A 651 6.27 -15.82 -26.54
N ALA A 652 5.95 -14.54 -26.80
CA ALA A 652 6.25 -13.95 -28.09
C ALA A 652 7.69 -13.45 -28.19
N TYR A 653 8.28 -13.05 -27.06
CA TYR A 653 9.56 -12.35 -27.07
C TYR A 653 10.59 -12.86 -26.07
N GLY A 654 10.19 -13.59 -25.05
CA GLY A 654 11.13 -14.01 -24.04
C GLY A 654 11.09 -13.11 -22.80
N ALA A 655 11.67 -13.63 -21.72
CA ALA A 655 11.57 -12.92 -20.44
C ALA A 655 12.38 -11.63 -20.43
N ASP A 656 13.56 -11.61 -21.06
CA ASP A 656 14.40 -10.42 -21.01
C ASP A 656 13.71 -9.23 -21.68
N THR A 657 13.05 -9.47 -22.82
CA THR A 657 12.30 -8.39 -23.47
C THR A 657 11.21 -7.86 -22.55
N ALA A 658 10.49 -8.76 -21.86
CA ALA A 658 9.46 -8.32 -20.94
C ALA A 658 10.05 -7.42 -19.87
N ARG A 659 11.14 -7.87 -19.24
CA ARG A 659 11.78 -7.10 -18.18
C ARG A 659 12.32 -5.78 -18.70
N LEU A 660 12.94 -5.78 -19.88
CA LEU A 660 13.53 -4.55 -20.38
C LEU A 660 12.45 -3.51 -20.69
N PHE A 661 11.37 -3.94 -21.36
CA PHE A 661 10.29 -3.00 -21.63
C PHE A 661 9.72 -2.42 -20.35
N MET A 662 9.50 -3.25 -19.33
CA MET A 662 8.95 -2.76 -18.08
C MET A 662 9.84 -1.69 -17.46
N MET A 663 11.15 -1.89 -17.53
CA MET A 663 12.07 -0.96 -16.88
C MET A 663 12.38 0.26 -17.74
N PHE A 664 12.26 0.13 -19.06
CA PHE A 664 12.59 1.26 -19.92
C PHE A 664 11.41 2.19 -20.15
N ALA A 665 10.17 1.66 -20.10
CA ALA A 665 9.01 2.41 -20.56
C ALA A 665 8.70 3.62 -19.68
N ALA A 666 9.00 3.55 -18.38
CA ALA A 666 8.74 4.65 -17.47
C ALA A 666 9.50 4.46 -16.16
N PRO A 667 9.81 5.53 -15.42
CA PRO A 667 10.31 5.37 -14.05
C PRO A 667 9.30 4.61 -13.21
N PRO A 668 9.74 3.95 -12.14
CA PRO A 668 8.80 3.09 -11.38
C PRO A 668 7.57 3.80 -10.87
N GLU A 669 7.72 5.04 -10.41
CA GLU A 669 6.58 5.76 -9.86
C GLU A 669 5.58 6.19 -10.92
N GLN A 670 6.00 6.26 -12.17
CA GLN A 670 5.15 6.75 -13.24
CA GLN A 670 5.12 6.75 -13.22
C GLN A 670 4.23 5.64 -13.74
N SER A 671 3.07 6.04 -14.27
CA SER A 671 2.22 5.07 -14.94
C SER A 671 2.93 4.54 -16.18
N LEU A 672 2.86 3.22 -16.37
CA LEU A 672 3.47 2.55 -17.51
C LEU A 672 2.39 2.23 -18.53
N GLU A 673 2.50 2.81 -19.73
CA GLU A 673 1.52 2.61 -20.79
C GLU A 673 1.97 1.45 -21.67
N TRP A 674 1.09 0.46 -21.82
CA TRP A 674 1.36 -0.66 -22.72
C TRP A 674 1.58 -0.14 -24.15
N SER A 675 2.64 -0.59 -24.79
CA SER A 675 2.98 -0.13 -26.14
C SER A 675 3.53 -1.30 -26.95
N ASP A 676 2.83 -1.68 -28.01
CA ASP A 676 3.35 -2.71 -28.90
C ASP A 676 4.69 -2.29 -29.49
N SER A 677 4.78 -1.03 -29.94
CA SER A 677 6.03 -0.56 -30.51
C SER A 677 7.14 -0.51 -29.47
N GLY A 678 6.78 -0.19 -28.23
CA GLY A 678 7.77 -0.18 -27.16
C GLY A 678 8.33 -1.55 -26.88
N VAL A 679 7.48 -2.58 -26.89
CA VAL A 679 7.96 -3.94 -26.69
C VAL A 679 8.89 -4.33 -27.82
N GLU A 680 8.52 -4.02 -29.06
CA GLU A 680 9.38 -4.32 -30.20
C GLU A 680 10.71 -3.58 -30.10
N GLY A 681 10.67 -2.31 -29.66
CA GLY A 681 11.91 -1.58 -29.46
C GLY A 681 12.83 -2.23 -28.44
N ALA A 682 12.25 -2.77 -27.36
CA ALA A 682 13.05 -3.49 -26.38
C ALA A 682 13.70 -4.72 -26.99
N HIS A 683 12.92 -5.52 -27.72
CA HIS A 683 13.47 -6.72 -28.35
C HIS A 683 14.56 -6.35 -29.35
N ARG A 684 14.34 -5.30 -30.14
CA ARG A 684 15.34 -4.88 -31.12
C ARG A 684 16.63 -4.48 -30.42
N PHE A 685 16.52 -3.86 -29.24
CA PHE A 685 17.74 -3.49 -28.52
C PHE A 685 18.51 -4.72 -28.06
N LEU A 686 17.81 -5.76 -27.62
CA LEU A 686 18.49 -6.97 -27.20
C LEU A 686 19.16 -7.66 -28.39
N ARG A 687 18.51 -7.62 -29.55
CA ARG A 687 19.15 -8.15 -30.76
C ARG A 687 20.41 -7.36 -31.09
N ARG A 688 20.38 -6.04 -30.89
CA ARG A 688 21.57 -5.22 -31.15
C ARG A 688 22.70 -5.58 -30.20
N LEU A 689 22.38 -5.72 -28.91
CA LEU A 689 23.38 -6.15 -27.93
C LEU A 689 23.99 -7.48 -28.33
N TRP A 690 23.14 -8.43 -28.73
CA TRP A 690 23.62 -9.75 -29.15
C TRP A 690 24.56 -9.63 -30.35
N ARG A 691 24.13 -8.86 -31.36
CA ARG A 691 24.93 -8.70 -32.57
C ARG A 691 26.25 -7.99 -32.28
N THR A 692 26.24 -7.01 -31.39
CA THR A 692 27.46 -6.27 -31.06
C THR A 692 28.54 -7.20 -30.52
N VAL A 693 28.17 -8.09 -29.60
CA VAL A 693 29.14 -9.04 -29.06
C VAL A 693 29.54 -10.05 -30.12
N TYR A 694 28.56 -10.60 -30.85
CA TYR A 694 28.86 -11.58 -31.89
C TYR A 694 29.84 -11.02 -32.92
N GLU A 695 29.59 -9.81 -33.41
CA GLU A 695 30.48 -9.23 -34.41
C GLU A 695 31.85 -8.94 -33.82
N TYR A 696 31.90 -8.52 -32.55
CA TYR A 696 33.18 -8.29 -31.90
C TYR A 696 33.99 -9.58 -31.86
N LEU A 697 33.37 -10.67 -31.42
CA LEU A 697 34.06 -11.95 -31.31
C LEU A 697 34.37 -12.56 -32.67
N LYS A 698 33.57 -12.24 -33.69
CA LYS A 698 33.81 -12.79 -35.02
C LYS A 698 35.05 -12.19 -35.68
N GLN A 699 35.49 -11.02 -35.24
CA GLN A 699 36.68 -10.40 -35.83
C GLN A 699 37.92 -10.54 -34.93
N GLY A 700 38.04 -11.66 -34.22
CA GLY A 700 39.28 -11.91 -33.51
C GLY A 700 39.18 -12.64 -32.18
N GLY A 701 37.98 -12.83 -31.66
CA GLY A 701 37.86 -13.50 -30.38
C GLY A 701 38.31 -12.65 -29.20
N ALA A 702 38.01 -13.11 -27.99
CA ALA A 702 38.17 -12.29 -26.80
C ALA A 702 39.64 -12.03 -26.49
N VAL A 703 39.91 -10.88 -25.87
CA VAL A 703 41.24 -10.51 -25.41
C VAL A 703 41.11 -10.05 -23.96
N LYS A 704 42.26 -9.86 -23.31
CA LYS A 704 42.22 -9.30 -21.96
C LYS A 704 41.72 -7.87 -22.03
N ALA A 705 40.70 -7.56 -21.23
CA ALA A 705 40.14 -6.21 -21.21
C ALA A 705 41.19 -5.19 -20.84
N PHE A 706 41.09 -4.00 -21.44
CA PHE A 706 42.04 -2.95 -21.10
C PHE A 706 41.93 -2.60 -19.63
N ALA A 707 43.08 -2.39 -18.99
CA ALA A 707 43.11 -1.96 -17.59
C ALA A 707 44.39 -1.18 -17.34
N GLY A 708 44.29 -0.19 -16.47
CA GLY A 708 45.45 0.51 -15.98
C GLY A 708 45.74 1.84 -16.64
N ASN A 709 47.01 2.20 -16.60
CA ASN A 709 47.47 3.47 -17.14
C ASN A 709 47.09 3.59 -18.61
N GLN A 710 46.37 4.65 -18.95
CA GLN A 710 45.94 4.84 -20.32
C GLN A 710 46.77 5.90 -21.05
N ASP A 711 47.89 6.34 -20.48
CA ASP A 711 48.85 7.12 -21.25
C ASP A 711 49.25 6.36 -22.50
N GLY A 712 49.23 7.03 -23.65
CA GLY A 712 49.55 6.37 -24.89
C GLY A 712 48.38 5.81 -25.66
N LEU A 713 47.20 5.71 -25.04
CA LEU A 713 46.01 5.41 -25.81
C LEU A 713 45.70 6.57 -26.74
N SER A 714 45.15 6.25 -27.91
CA SER A 714 44.72 7.30 -28.83
C SER A 714 43.59 8.12 -28.20
N LYS A 715 43.43 9.35 -28.71
CA LYS A 715 42.37 10.22 -28.21
C LYS A 715 41.00 9.57 -28.34
N GLU A 716 40.74 8.88 -29.46
CA GLU A 716 39.45 8.24 -29.65
C GLU A 716 39.19 7.15 -28.62
N LEU A 717 40.22 6.37 -28.26
CA LEU A 717 40.01 5.31 -27.28
C LEU A 717 39.93 5.86 -25.86
N LYS A 718 40.68 6.93 -25.55
CA LYS A 718 40.49 7.62 -24.28
C LYS A 718 39.07 8.16 -24.15
N ASP A 719 38.53 8.72 -25.24
CA ASP A 719 37.16 9.24 -25.21
C ASP A 719 36.15 8.13 -24.98
N LEU A 720 36.37 6.96 -25.56
CA LEU A 720 35.50 5.83 -25.31
C LEU A 720 35.63 5.34 -23.87
N ARG A 721 36.85 5.29 -23.33
CA ARG A 721 36.98 4.92 -21.92
C ARG A 721 36.34 5.96 -21.01
N HIS A 722 36.42 7.25 -21.37
CA HIS A 722 35.72 8.25 -20.58
C HIS A 722 34.22 7.97 -20.56
N LYS A 723 33.62 7.74 -21.72
CA LYS A 723 32.21 7.41 -21.79
C LYS A 723 31.89 6.14 -21.01
N LEU A 724 32.79 5.16 -21.09
CA LEU A 724 32.58 3.90 -20.38
C LEU A 724 32.48 4.12 -18.88
N HIS A 725 33.48 4.78 -18.29
CA HIS A 725 33.47 4.92 -16.85
C HIS A 725 32.49 5.99 -16.37
N SER A 726 32.16 6.96 -17.23
CA SER A 726 31.05 7.85 -16.93
C SER A 726 29.74 7.08 -16.87
N THR A 727 29.55 6.15 -17.81
CA THR A 727 28.33 5.35 -17.82
C THR A 727 28.23 4.47 -16.59
N THR A 728 29.36 3.86 -16.17
CA THR A 728 29.35 3.04 -14.97
C THR A 728 28.95 3.87 -13.74
N ALA A 729 29.47 5.10 -13.65
CA ALA A 729 29.10 5.96 -12.53
C ALA A 729 27.61 6.34 -12.58
N LYS A 730 27.10 6.65 -13.77
CA LYS A 730 25.70 7.01 -13.92
C LYS A 730 24.78 5.85 -13.58
N VAL A 731 25.09 4.66 -14.11
CA VAL A 731 24.25 3.50 -13.85
C VAL A 731 24.27 3.15 -12.37
N SER A 732 25.45 3.16 -11.75
CA SER A 732 25.55 2.87 -10.33
C SER A 732 24.71 3.84 -9.51
N ASP A 733 24.73 5.12 -9.88
CA ASP A 733 23.93 6.09 -9.16
C ASP A 733 22.45 5.90 -9.42
N ASP A 734 22.09 5.46 -10.63
CA ASP A 734 20.68 5.20 -10.94
C ASP A 734 20.14 4.00 -10.18
N TYR A 735 20.91 2.90 -10.14
CA TYR A 735 20.43 1.72 -9.39
C TYR A 735 20.46 1.96 -7.89
N GLY A 736 21.50 2.63 -7.40
CA GLY A 736 21.74 2.70 -5.97
C GLY A 736 21.06 3.85 -5.27
N ARG A 737 20.91 4.98 -5.94
CA ARG A 737 20.41 6.19 -5.31
C ARG A 737 19.08 6.63 -5.91
N ARG A 738 19.03 6.90 -7.22
CA ARG A 738 17.84 7.50 -7.81
C ARG A 738 16.74 6.48 -8.04
N GLN A 739 17.12 5.20 -8.22
CA GLN A 739 16.15 4.15 -8.52
C GLN A 739 15.27 4.54 -9.70
N GLN A 740 15.92 5.13 -10.70
CA GLN A 740 15.38 5.37 -12.04
C GLN A 740 16.15 4.45 -12.97
N PHE A 741 15.47 3.43 -13.47
CA PHE A 741 16.15 2.42 -14.26
C PHE A 741 16.09 2.72 -15.75
N ASN A 742 15.12 3.51 -16.21
CA ASN A 742 15.06 3.85 -17.63
C ASN A 742 16.24 4.70 -18.05
N THR A 743 16.69 5.62 -17.19
CA THR A 743 17.86 6.42 -17.53
C THR A 743 19.14 5.62 -17.50
N ALA A 744 19.20 4.58 -16.64
CA ALA A 744 20.35 3.68 -16.65
C ALA A 744 20.45 2.96 -17.99
N ILE A 745 19.31 2.48 -18.50
CA ILE A 745 19.29 1.81 -19.79
C ILE A 745 19.71 2.76 -20.90
N ALA A 746 19.19 4.00 -20.87
CA ALA A 746 19.56 4.98 -21.89
C ALA A 746 21.05 5.28 -21.84
N ALA A 747 21.64 5.28 -20.64
CA ALA A 747 23.08 5.55 -20.52
C ALA A 747 23.91 4.47 -21.18
N VAL A 748 23.53 3.19 -21.01
CA VAL A 748 24.24 2.11 -21.68
C VAL A 748 24.05 2.18 -23.19
N MET A 749 22.85 2.57 -23.63
CA MET A 749 22.64 2.74 -25.07
C MET A 749 23.57 3.80 -25.65
N GLU A 750 23.82 4.87 -24.89
CA GLU A 750 24.71 5.91 -25.39
C GLU A 750 26.15 5.42 -25.45
N LEU A 751 26.54 4.59 -24.48
CA LEU A 751 27.88 4.00 -24.52
C LEU A 751 28.05 3.14 -25.76
N LEU A 752 27.04 2.31 -26.06
CA LEU A 752 27.10 1.49 -27.26
C LEU A 752 27.08 2.34 -28.52
N ASN A 753 26.35 3.47 -28.50
CA ASN A 753 26.36 4.37 -29.65
C ASN A 753 27.76 4.90 -29.90
N GLN A 754 28.47 5.27 -28.84
CA GLN A 754 29.82 5.81 -29.01
C GLN A 754 30.80 4.70 -29.40
N TYR A 755 30.65 3.52 -28.79
CA TYR A 755 31.42 2.35 -29.23
C TYR A 755 31.26 2.11 -30.72
N ASP A 756 30.01 2.19 -31.23
CA ASP A 756 29.75 1.95 -32.64
C ASP A 756 30.47 2.95 -33.54
N LYS A 757 30.74 4.16 -33.04
CA LYS A 757 31.40 5.17 -33.84
C LYS A 757 32.91 5.19 -33.64
N THR A 758 33.44 4.26 -32.84
CA THR A 758 34.86 4.20 -32.55
C THR A 758 35.50 3.05 -33.33
N ASP A 759 36.61 3.34 -34.02
CA ASP A 759 37.41 2.28 -34.63
C ASP A 759 38.14 1.54 -33.52
N THR A 760 37.76 0.29 -33.28
CA THR A 760 38.39 -0.54 -32.27
C THR A 760 39.16 -1.70 -32.88
N GLY A 761 39.63 -1.53 -34.12
CA GLY A 761 40.28 -2.64 -34.82
C GLY A 761 41.70 -2.93 -34.37
N SER A 762 42.39 -1.95 -33.83
CA SER A 762 43.78 -2.12 -33.43
C SER A 762 43.90 -2.98 -32.18
N GLU A 763 45.15 -3.30 -31.82
CA GLU A 763 45.39 -4.10 -30.63
C GLU A 763 44.88 -3.38 -29.38
N GLN A 764 45.24 -2.11 -29.21
CA GLN A 764 44.69 -1.36 -28.08
C GLN A 764 43.19 -1.15 -28.23
N GLY A 765 42.70 -1.02 -29.46
CA GLY A 765 41.27 -0.86 -29.67
C GLY A 765 40.48 -2.07 -29.21
N ARG A 766 41.01 -3.28 -29.48
CA ARG A 766 40.29 -4.49 -29.10
C ARG A 766 40.25 -4.63 -27.58
N ALA A 767 41.34 -4.24 -26.92
CA ALA A 767 41.38 -4.32 -25.46
C ALA A 767 40.35 -3.38 -24.84
N VAL A 768 40.18 -2.18 -25.42
CA VAL A 768 39.17 -1.25 -24.93
C VAL A 768 37.78 -1.75 -25.29
N ALA A 769 37.61 -2.32 -26.49
CA ALA A 769 36.32 -2.89 -26.85
C ALA A 769 35.92 -3.99 -25.88
N GLN A 770 36.87 -4.84 -25.50
CA GLN A 770 36.60 -5.87 -24.50
C GLN A 770 36.17 -5.24 -23.17
N GLU A 771 36.90 -4.20 -22.74
CA GLU A 771 36.52 -3.51 -21.50
C GLU A 771 35.11 -2.96 -21.58
N VAL A 772 34.77 -2.35 -22.72
CA VAL A 772 33.44 -1.74 -22.90
C VAL A 772 32.34 -2.80 -22.83
N LEU A 773 32.53 -3.90 -23.56
CA LEU A 773 31.49 -4.92 -23.62
C LEU A 773 31.36 -5.66 -22.29
N GLU A 774 32.48 -5.94 -21.62
CA GLU A 774 32.40 -6.60 -20.31
C GLU A 774 31.65 -5.73 -19.30
N ALA A 775 31.84 -4.41 -19.36
CA ALA A 775 31.10 -3.54 -18.45
C ALA A 775 29.64 -3.49 -18.84
N ALA A 776 29.35 -3.35 -20.13
CA ALA A 776 27.97 -3.17 -20.58
C ALA A 776 27.10 -4.36 -20.20
N VAL A 777 27.61 -5.59 -20.35
CA VAL A 777 26.77 -6.74 -20.02
C VAL A 777 26.60 -6.87 -18.52
N ARG A 778 27.57 -6.40 -17.73
CA ARG A 778 27.38 -6.45 -16.29
C ARG A 778 26.48 -5.32 -15.81
N LEU A 779 26.55 -4.15 -16.46
CA LEU A 779 25.68 -3.05 -16.07
C LEU A 779 24.23 -3.36 -16.38
N LEU A 780 23.97 -4.18 -17.40
CA LEU A 780 22.61 -4.55 -17.77
C LEU A 780 22.15 -5.87 -17.17
N TRP A 781 23.05 -6.65 -16.56
CA TRP A 781 22.66 -7.94 -15.98
C TRP A 781 21.51 -7.84 -14.98
N PRO A 782 21.46 -6.85 -14.09
CA PRO A 782 20.28 -6.76 -13.21
C PRO A 782 18.97 -6.66 -13.96
N ILE A 783 18.97 -6.05 -15.14
CA ILE A 783 17.72 -5.84 -15.88
C ILE A 783 17.42 -7.01 -16.81
N VAL A 784 18.39 -7.42 -17.63
CA VAL A 784 18.19 -8.52 -18.56
C VAL A 784 19.23 -9.60 -18.27
N PRO A 785 19.07 -10.37 -17.19
CA PRO A 785 20.17 -11.25 -16.77
C PRO A 785 20.43 -12.42 -17.71
N HIS A 786 19.42 -12.96 -18.40
CA HIS A 786 19.65 -14.15 -19.21
C HIS A 786 20.62 -13.86 -20.36
N ILE A 787 20.34 -12.82 -21.14
CA ILE A 787 21.21 -12.51 -22.27
C ILE A 787 22.57 -12.02 -21.78
N CYS A 788 22.61 -11.27 -20.68
CA CYS A 788 23.90 -10.78 -20.21
C CYS A 788 24.77 -11.91 -19.68
N GLU A 789 24.14 -12.89 -19.02
CA GLU A 789 24.87 -14.07 -18.56
C GLU A 789 25.45 -14.83 -19.73
N THR A 790 24.67 -14.97 -20.82
CA THR A 790 25.13 -15.71 -21.98
C THR A 790 26.26 -14.97 -22.69
N LEU A 791 26.09 -13.67 -22.92
CA LEU A 791 27.12 -12.88 -23.60
C LEU A 791 28.39 -12.80 -22.78
N TRP A 792 28.26 -12.58 -21.46
CA TRP A 792 29.43 -12.56 -20.58
C TRP A 792 30.27 -13.82 -20.76
N SER A 793 29.62 -14.98 -20.79
CA SER A 793 30.35 -16.24 -20.92
C SER A 793 31.03 -16.39 -22.27
N GLU A 794 30.58 -15.68 -23.31
CA GLU A 794 31.33 -15.68 -24.56
C GLU A 794 32.53 -14.75 -24.50
N LEU A 795 32.49 -13.73 -23.63
CA LEU A 795 33.54 -12.72 -23.53
C LEU A 795 34.63 -13.10 -22.55
N ASN A 796 34.32 -13.88 -21.52
CA ASN A 796 35.16 -14.02 -20.34
C ASN A 796 34.81 -15.32 -19.64
N GLY A 797 35.83 -16.03 -19.15
CA GLY A 797 35.62 -17.31 -18.52
C GLY A 797 35.25 -17.29 -17.05
N ALA A 798 35.34 -16.13 -16.41
CA ALA A 798 35.05 -16.04 -14.99
C ALA A 798 33.55 -16.08 -14.74
N LYS A 799 33.18 -16.40 -13.51
CA LYS A 799 31.79 -16.30 -13.09
C LYS A 799 31.39 -14.83 -12.99
N LEU A 800 30.35 -14.42 -13.72
CA LEU A 800 29.96 -13.02 -13.77
C LEU A 800 29.73 -12.44 -12.38
N TRP A 801 29.05 -13.19 -11.52
CA TRP A 801 28.75 -12.68 -10.18
C TRP A 801 29.99 -12.64 -9.29
N GLU A 802 31.06 -13.33 -9.67
CA GLU A 802 32.32 -13.18 -8.97
C GLU A 802 33.18 -12.08 -9.54
N ALA A 803 33.02 -11.76 -10.83
CA ALA A 803 33.66 -10.57 -11.38
C ALA A 803 33.11 -9.31 -10.73
N GLY A 804 31.82 -9.32 -10.40
CA GLY A 804 31.23 -8.26 -9.60
C GLY A 804 30.86 -7.03 -10.40
N TRP A 805 30.28 -6.08 -9.68
CA TRP A 805 29.84 -4.83 -10.28
C TRP A 805 31.03 -4.07 -10.86
N PRO A 806 30.91 -3.49 -12.06
CA PRO A 806 32.04 -2.77 -12.66
C PRO A 806 32.49 -1.61 -11.80
N THR A 807 33.80 -1.40 -11.74
CA THR A 807 34.37 -0.31 -10.98
C THR A 807 34.63 0.89 -11.88
N VAL A 808 34.50 2.07 -11.31
CA VAL A 808 34.80 3.29 -12.03
C VAL A 808 36.30 3.55 -11.94
N ASP A 809 36.93 3.75 -13.10
CA ASP A 809 38.34 4.10 -13.16
C ASP A 809 38.42 5.62 -13.16
N GLU A 810 38.79 6.19 -12.01
CA GLU A 810 38.89 7.65 -11.90
C GLU A 810 39.85 8.23 -12.93
N ALA A 811 40.95 7.53 -13.20
CA ALA A 811 41.94 8.04 -14.14
C ALA A 811 41.35 8.21 -15.53
N ALA A 812 40.37 7.38 -15.90
CA ALA A 812 39.74 7.52 -17.21
C ALA A 812 38.87 8.78 -17.31
N LEU A 813 38.57 9.42 -16.18
CA LEU A 813 37.70 10.58 -16.14
C LEU A 813 38.49 11.89 -16.06
N VAL A 814 39.81 11.84 -16.02
CA VAL A 814 40.63 13.05 -16.07
C VAL A 814 40.94 13.36 -17.53
N LYS A 815 40.82 14.64 -17.88
CA LYS A 815 41.00 15.07 -19.25
C LYS A 815 42.38 15.69 -19.43
N SER A 816 42.88 15.64 -20.66
CA SER A 816 44.24 16.10 -20.96
C SER A 816 44.39 17.57 -20.62
N GLU A 817 45.64 17.97 -20.38
CA GLU A 817 45.96 19.35 -20.01
C GLU A 817 46.28 20.15 -21.27
N ILE A 818 45.59 21.27 -21.44
CA ILE A 818 45.82 22.14 -22.59
C ILE A 818 46.98 23.09 -22.29
#